data_2PMI
#
_entry.id   2PMI
#
_cell.length_a   146.592
_cell.length_b   146.592
_cell.length_c   212.848
_cell.angle_alpha   90.00
_cell.angle_beta   90.00
_cell.angle_gamma   120.00
#
_symmetry.space_group_name_H-M   'P 31 2 1'
#
loop_
_entity.id
_entity.type
_entity.pdbx_description
1 polymer 'Cyclin-dependent protein kinase PHO85'
2 polymer 'PHO85 cyclin PHO80'
3 non-polymer 'PHOSPHOTHIOPHOSPHORIC ACID-ADENYLATE ESTER'
4 non-polymer '2-(N-MORPHOLINO)-ETHANESULFONIC ACID'
#
loop_
_entity_poly.entity_id
_entity_poly.type
_entity_poly.pdbx_seq_one_letter_code
_entity_poly.pdbx_strand_id
1 'polypeptide(L)'
;MSSSSQFKQLEKLGNGTYATVYKGLNKTTGVYVALKEVKLDSEEGTPSTAIREISLMKELKHENIVRLYDVIHTENKLTL
VFEFMDNDLKKYMDSRTVGNTPRGLELNLVKYFQWQLLQGLAFCHENKILHRDLKPQNLLINKRGQLKLGDFGLARAFGI
PVNTFSSEVVTLWYRAPDVLMGSRTYSTSIDIWSCGCILAEMITGKPLFPGTNDEEQLKLIFDIMGTPNESLWPSVTKLP
KYNPNIQQRPPRDLRQVLQPHTKEPLDGNLMDFLHGLLQLNPDMRLSAKQALHHPWFAEYYHHASMGGSRSHHHHHH
;
A,C
2 'polypeptide(L)'
;MESTSGERSENIHEDQGIPKVILPADFNKCSRTDLVVLISRMLVSLIAINENSATKKSDDQITLTRYHSKIPPNISIFNY
FIRLTKFSSLEHCVLMTSLYYIDLLQTVYPDFTLNSLTAHRFLLTATTVATKGLCDSFSTNAHYAKVGGVRCHELNILEN
DFLKRVNYRIIPRDHNITLCSIEQKQKKFVIDKNALGSLDLDSYSYVNRPKSGYNVLDKYYRRIVQLVGSFNASPDKSRK
VDYVLPPNIDIVSESGSQTTQLKGSSSPNSHSSQKRYSEAKDAHIYNKRSKPD
;
B,D
#
# COMPACT_ATOMS: atom_id res chain seq x y z
N ALA A 19 0.02 -14.64 14.36
CA ALA A 19 0.68 -15.98 14.35
C ALA A 19 0.62 -16.67 15.71
N THR A 20 -0.04 -17.83 15.75
CA THR A 20 -0.16 -18.62 16.97
C THR A 20 0.61 -19.95 16.84
N VAL A 21 1.40 -20.29 17.85
CA VAL A 21 2.19 -21.52 17.79
C VAL A 21 1.77 -22.57 18.82
N TYR A 22 2.09 -23.83 18.53
CA TYR A 22 1.77 -24.96 19.41
C TYR A 22 2.91 -25.98 19.42
N LYS A 23 2.92 -26.82 20.44
CA LYS A 23 3.95 -27.84 20.55
C LYS A 23 3.40 -29.10 19.89
N GLY A 24 4.24 -29.82 19.16
CA GLY A 24 3.79 -31.04 18.50
C GLY A 24 4.94 -32.00 18.30
N LEU A 25 4.67 -33.17 17.73
CA LEU A 25 5.75 -34.13 17.51
C LEU A 25 5.53 -35.07 16.32
N ASN A 26 6.57 -35.29 15.55
CA ASN A 26 6.52 -36.17 14.39
C ASN A 26 5.77 -37.45 14.77
N LYS A 27 5.03 -38.01 13.83
CA LYS A 27 4.32 -39.26 14.09
C LYS A 27 5.22 -40.39 13.64
N THR A 28 5.79 -40.25 12.45
CA THR A 28 6.71 -41.24 11.92
C THR A 28 7.84 -41.33 12.94
N THR A 29 8.35 -40.17 13.34
CA THR A 29 9.44 -40.06 14.31
C THR A 29 8.91 -39.43 15.60
N GLY A 30 9.47 -39.82 16.74
CA GLY A 30 9.01 -39.27 18.00
C GLY A 30 9.51 -37.85 18.22
N VAL A 31 10.47 -37.44 17.41
CA VAL A 31 11.07 -36.11 17.49
C VAL A 31 10.03 -34.99 17.57
N TYR A 32 10.09 -34.22 18.66
CA TYR A 32 9.16 -33.12 18.91
C TYR A 32 9.48 -31.92 18.05
N VAL A 33 8.50 -31.06 17.87
CA VAL A 33 8.67 -29.86 17.08
C VAL A 33 7.85 -28.69 17.61
N ALA A 34 7.87 -27.59 16.87
CA ALA A 34 7.12 -26.38 17.23
C ALA A 34 6.25 -26.04 16.03
N LEU A 35 4.96 -25.84 16.28
CA LEU A 35 4.06 -25.52 15.18
C LEU A 35 3.51 -24.09 15.20
N LYS A 36 4.16 -23.22 14.43
CA LYS A 36 3.75 -21.82 14.29
C LYS A 36 2.65 -21.83 13.24
N GLU A 37 1.48 -21.29 13.59
CA GLU A 37 0.34 -21.27 12.67
C GLU A 37 -0.01 -19.90 12.08
N VAL A 38 0.06 -19.82 10.76
CA VAL A 38 -0.25 -18.58 10.02
C VAL A 38 -1.41 -18.83 9.07
N LYS A 39 -2.59 -18.37 9.45
CA LYS A 39 -3.80 -18.53 8.64
C LYS A 39 -3.71 -17.82 7.30
N LEU A 40 -4.42 -18.36 6.32
CA LEU A 40 -4.42 -17.81 4.97
C LEU A 40 -5.73 -17.14 4.57
N ASP A 41 -5.68 -16.40 3.46
CA ASP A 41 -6.84 -15.68 2.92
C ASP A 41 -7.10 -14.40 3.72
N SER A 42 -6.78 -13.27 3.10
CA SER A 42 -6.96 -11.97 3.74
C SER A 42 -6.63 -10.90 2.70
N GLU A 43 -6.93 -9.64 3.01
CA GLU A 43 -6.66 -8.54 2.10
C GLU A 43 -5.18 -8.53 1.71
N GLU A 44 -4.38 -9.29 2.48
CA GLU A 44 -2.96 -9.41 2.21
C GLU A 44 -2.60 -10.86 1.92
N GLY A 45 -3.63 -11.72 1.87
CA GLY A 45 -3.44 -13.11 1.56
C GLY A 45 -2.39 -13.81 2.40
N THR A 46 -1.28 -14.20 1.78
CA THR A 46 -0.20 -14.88 2.49
C THR A 46 0.72 -13.83 3.08
N PRO A 47 0.76 -13.73 4.42
CA PRO A 47 1.58 -12.80 5.20
C PRO A 47 3.00 -12.68 4.68
N SER A 48 3.39 -11.47 4.29
CA SER A 48 4.74 -11.26 3.78
C SER A 48 5.75 -11.79 4.78
N THR A 49 5.42 -11.69 6.06
CA THR A 49 6.32 -12.18 7.09
C THR A 49 6.57 -13.67 6.92
N ALA A 50 5.51 -14.43 6.62
CA ALA A 50 5.62 -15.86 6.42
C ALA A 50 6.47 -16.12 5.18
N ILE A 51 6.12 -15.44 4.09
CA ILE A 51 6.84 -15.58 2.84
C ILE A 51 8.33 -15.34 3.10
N ARG A 52 8.62 -14.26 3.80
CA ARG A 52 10.00 -13.91 4.09
C ARG A 52 10.68 -14.92 4.99
N GLU A 53 9.98 -15.38 6.01
CA GLU A 53 10.55 -16.33 6.95
C GLU A 53 10.81 -17.65 6.24
N ILE A 54 9.74 -18.34 5.82
CA ILE A 54 9.86 -19.62 5.12
C ILE A 54 10.97 -19.53 4.08
N SER A 55 10.90 -18.48 3.28
CA SER A 55 11.84 -18.21 2.20
C SER A 55 13.30 -18.27 2.60
N LEU A 56 13.67 -17.47 3.59
CA LEU A 56 15.06 -17.42 4.02
C LEU A 56 15.51 -18.66 4.78
N MET A 57 14.62 -19.24 5.57
CA MET A 57 14.96 -20.45 6.34
C MET A 57 15.48 -21.60 5.47
N LYS A 58 14.90 -21.78 4.29
CA LYS A 58 15.39 -22.85 3.43
C LYS A 58 16.83 -22.54 3.03
N GLU A 59 17.19 -21.27 3.14
CA GLU A 59 18.52 -20.81 2.76
C GLU A 59 19.50 -20.91 3.92
N LEU A 60 18.98 -21.04 5.14
CA LEU A 60 19.84 -21.08 6.31
C LEU A 60 19.96 -22.38 7.07
N LYS A 61 20.68 -23.33 6.49
CA LYS A 61 20.91 -24.60 7.15
C LYS A 61 22.24 -24.51 7.90
N HIS A 62 22.17 -24.36 9.22
CA HIS A 62 23.38 -24.26 10.04
C HIS A 62 23.00 -24.79 11.41
N GLU A 63 23.99 -25.15 12.22
CA GLU A 63 23.72 -25.69 13.55
C GLU A 63 23.28 -24.68 14.61
N ASN A 64 23.52 -23.41 14.37
CA ASN A 64 23.12 -22.39 15.31
C ASN A 64 22.14 -21.44 14.62
N ILE A 65 21.06 -22.02 14.09
CA ILE A 65 20.00 -21.29 13.38
C ILE A 65 18.81 -22.25 13.28
N VAL A 66 17.86 -22.11 14.20
CA VAL A 66 16.68 -22.99 14.22
C VAL A 66 16.31 -23.50 12.84
N ARG A 67 16.18 -24.81 12.73
CA ARG A 67 15.83 -25.43 11.46
C ARG A 67 14.34 -25.46 11.17
N LEU A 68 13.96 -25.14 9.93
CA LEU A 68 12.56 -25.18 9.53
C LEU A 68 12.34 -26.52 8.84
N TYR A 69 11.74 -27.45 9.56
CA TYR A 69 11.48 -28.80 9.07
C TYR A 69 10.63 -28.89 7.83
N ASP A 70 9.50 -28.21 7.83
CA ASP A 70 8.61 -28.25 6.67
C ASP A 70 7.44 -27.28 6.81
N VAL A 71 6.68 -27.11 5.72
CA VAL A 71 5.52 -26.24 5.72
C VAL A 71 4.26 -27.03 5.41
N ILE A 72 3.18 -26.75 6.13
CA ILE A 72 1.92 -27.46 5.91
C ILE A 72 0.78 -26.54 5.50
N HIS A 73 0.66 -26.30 4.20
CA HIS A 73 -0.40 -25.46 3.67
C HIS A 73 -1.68 -26.28 3.81
N THR A 74 -2.83 -25.64 3.72
CA THR A 74 -4.10 -26.34 3.85
C THR A 74 -5.25 -25.36 4.07
N GLU A 75 -6.22 -25.35 3.16
CA GLU A 75 -7.35 -24.45 3.29
C GLU A 75 -6.79 -23.05 3.55
N ASN A 76 -7.28 -22.39 4.60
CA ASN A 76 -6.83 -21.05 4.94
C ASN A 76 -5.90 -21.08 6.14
N LYS A 77 -5.01 -22.07 6.19
CA LYS A 77 -4.08 -22.18 7.31
C LYS A 77 -2.73 -22.72 6.88
N LEU A 78 -1.68 -21.99 7.22
CA LEU A 78 -0.33 -22.41 6.90
C LEU A 78 0.40 -22.64 8.20
N THR A 79 1.10 -23.76 8.33
CA THR A 79 1.84 -23.99 9.56
C THR A 79 3.28 -24.29 9.21
N LEU A 80 4.21 -23.57 9.86
CA LEU A 80 5.64 -23.77 9.65
C LEU A 80 6.09 -24.66 10.80
N VAL A 81 6.79 -25.75 10.50
CA VAL A 81 7.25 -26.68 11.53
C VAL A 81 8.74 -26.52 11.86
N PHE A 82 9.01 -25.77 12.94
CA PHE A 82 10.37 -25.50 13.42
C PHE A 82 10.84 -26.53 14.42
N GLU A 83 12.15 -26.70 14.53
CA GLU A 83 12.68 -27.64 15.48
C GLU A 83 12.33 -27.05 16.84
N PHE A 84 11.63 -27.83 17.66
CA PHE A 84 11.23 -27.37 18.98
C PHE A 84 12.45 -27.10 19.86
N MET A 85 12.53 -25.90 20.41
CA MET A 85 13.63 -25.53 21.29
C MET A 85 12.99 -25.30 22.66
N ASP A 86 13.71 -25.59 23.74
CA ASP A 86 13.16 -25.41 25.08
C ASP A 86 12.87 -23.94 25.40
N ASN A 87 13.81 -23.25 26.05
CA ASN A 87 13.61 -21.84 26.38
C ASN A 87 14.54 -20.90 25.57
N ASP A 88 14.92 -19.77 26.17
CA ASP A 88 15.77 -18.81 25.48
C ASP A 88 16.68 -18.01 26.40
N LEU A 89 17.64 -17.30 25.80
CA LEU A 89 18.58 -16.49 26.56
C LEU A 89 17.85 -15.66 27.60
N LYS A 90 16.70 -15.11 27.21
CA LYS A 90 15.90 -14.30 28.11
C LYS A 90 15.35 -15.21 29.22
N LYS A 91 14.46 -16.11 28.83
CA LYS A 91 13.83 -17.03 29.76
C LYS A 91 14.91 -17.67 30.64
N TYR A 92 15.98 -18.14 30.00
CA TYR A 92 17.09 -18.79 30.69
C TYR A 92 17.62 -18.03 31.89
N MET A 93 17.86 -16.73 31.71
CA MET A 93 18.38 -15.88 32.77
C MET A 93 17.38 -15.58 33.88
N ASP A 94 16.13 -15.32 33.51
CA ASP A 94 15.10 -15.05 34.51
C ASP A 94 15.06 -16.23 35.48
N SER A 95 15.02 -17.43 34.93
CA SER A 95 14.99 -18.65 35.72
C SER A 95 16.06 -18.54 36.79
N ARG A 96 17.27 -18.25 36.33
CA ARG A 96 18.41 -18.11 37.20
C ARG A 96 18.12 -17.15 38.35
N THR A 97 17.85 -15.89 38.02
CA THR A 97 17.58 -14.90 39.05
C THR A 97 16.31 -14.08 38.82
N VAL A 98 15.18 -14.75 38.75
CA VAL A 98 13.94 -14.04 38.57
C VAL A 98 13.55 -13.41 39.89
N GLY A 99 13.87 -14.10 40.99
CA GLY A 99 13.55 -13.59 42.30
C GLY A 99 14.69 -12.80 42.93
N ASN A 100 15.89 -12.99 42.41
CA ASN A 100 17.06 -12.31 42.95
C ASN A 100 17.54 -11.10 42.14
N THR A 101 16.60 -10.40 41.49
CA THR A 101 16.94 -9.22 40.68
C THR A 101 18.04 -9.54 39.66
N PRO A 102 18.50 -8.55 38.88
CA PRO A 102 19.55 -8.78 37.88
C PRO A 102 20.79 -9.54 38.35
N ARG A 103 21.18 -10.54 37.55
CA ARG A 103 22.37 -11.34 37.83
C ARG A 103 22.93 -11.92 36.52
N GLY A 104 24.20 -11.65 36.25
CA GLY A 104 24.82 -12.14 35.04
C GLY A 104 25.09 -13.64 35.12
N LEU A 105 25.71 -14.18 34.07
CA LEU A 105 26.01 -15.61 34.02
C LEU A 105 27.49 -15.87 34.23
N GLU A 106 27.80 -17.13 34.52
CA GLU A 106 29.18 -17.57 34.71
C GLU A 106 29.89 -17.21 33.39
N LEU A 107 31.03 -16.51 33.48
CA LEU A 107 31.77 -16.09 32.29
C LEU A 107 32.11 -17.17 31.27
N ASN A 108 32.37 -18.40 31.71
CA ASN A 108 32.66 -19.44 30.73
C ASN A 108 31.43 -19.62 29.90
N LEU A 109 30.28 -19.51 30.56
CA LEU A 109 29.00 -19.64 29.92
C LEU A 109 28.70 -18.43 29.03
N VAL A 110 29.24 -17.26 29.41
CA VAL A 110 29.01 -16.06 28.60
C VAL A 110 29.82 -16.14 27.29
N LYS A 111 31.00 -16.74 27.35
CA LYS A 111 31.82 -16.87 26.16
C LYS A 111 31.28 -17.97 25.23
N TYR A 112 30.64 -18.98 25.82
CA TYR A 112 30.10 -20.07 25.03
C TYR A 112 28.91 -19.63 24.18
N PHE A 113 27.89 -19.06 24.82
CA PHE A 113 26.69 -18.59 24.13
C PHE A 113 27.03 -17.54 23.09
N GLN A 114 27.93 -16.62 23.44
CA GLN A 114 28.33 -15.57 22.54
C GLN A 114 29.00 -16.22 21.35
N TRP A 115 29.68 -17.33 21.60
CA TRP A 115 30.37 -18.05 20.52
C TRP A 115 29.38 -18.61 19.51
N GLN A 116 28.31 -19.20 20.01
CA GLN A 116 27.29 -19.77 19.15
C GLN A 116 26.54 -18.68 18.36
N LEU A 117 26.20 -17.59 19.02
CA LEU A 117 25.48 -16.49 18.38
C LEU A 117 26.26 -15.86 17.23
N LEU A 118 27.57 -15.73 17.38
CA LEU A 118 28.34 -15.13 16.29
C LEU A 118 28.54 -16.15 15.18
N GLN A 119 28.54 -17.41 15.56
CA GLN A 119 28.74 -18.50 14.64
C GLN A 119 27.56 -18.58 13.69
N GLY A 120 26.36 -18.63 14.25
CA GLY A 120 25.17 -18.69 13.43
C GLY A 120 24.98 -17.42 12.62
N LEU A 121 25.25 -16.28 13.27
CA LEU A 121 25.09 -15.00 12.61
C LEU A 121 26.14 -14.89 11.50
N ALA A 122 27.35 -15.34 11.82
CA ALA A 122 28.44 -15.28 10.85
C ALA A 122 27.92 -15.95 9.61
N PHE A 123 27.16 -17.01 9.81
CA PHE A 123 26.64 -17.76 8.69
C PHE A 123 25.69 -16.90 7.90
N CYS A 124 24.74 -16.29 8.61
CA CYS A 124 23.76 -15.45 7.94
C CYS A 124 24.44 -14.39 7.06
N HIS A 125 25.38 -13.67 7.64
CA HIS A 125 26.02 -12.61 6.89
C HIS A 125 26.75 -13.10 5.63
N GLU A 126 27.33 -14.30 5.68
CA GLU A 126 28.03 -14.86 4.52
C GLU A 126 27.06 -15.11 3.37
N ASN A 127 25.81 -15.42 3.72
CA ASN A 127 24.79 -15.64 2.70
C ASN A 127 24.11 -14.32 2.36
N LYS A 128 24.70 -13.24 2.85
CA LYS A 128 24.20 -11.91 2.63
C LYS A 128 22.78 -11.76 3.14
N ILE A 129 22.60 -12.09 4.41
CA ILE A 129 21.30 -11.99 5.07
C ILE A 129 21.49 -11.34 6.45
N LEU A 130 20.71 -10.31 6.72
CA LEU A 130 20.80 -9.62 8.00
C LEU A 130 19.60 -10.03 8.82
N HIS A 131 19.82 -10.29 10.11
CA HIS A 131 18.74 -10.68 10.99
C HIS A 131 17.85 -9.49 11.30
N ARG A 132 18.47 -8.36 11.63
CA ARG A 132 17.76 -7.12 11.89
C ARG A 132 16.96 -7.04 13.19
N ASP A 133 16.85 -8.14 13.93
CA ASP A 133 16.11 -8.06 15.17
C ASP A 133 16.61 -9.01 16.23
N LEU A 134 17.92 -8.91 16.52
CA LEU A 134 18.53 -9.76 17.53
C LEU A 134 18.26 -9.27 18.96
N LYS A 135 17.93 -10.23 19.82
CA LYS A 135 17.64 -9.97 21.23
C LYS A 135 17.53 -11.29 22.02
N PRO A 136 17.76 -11.22 23.34
CA PRO A 136 17.71 -12.38 24.24
C PRO A 136 16.65 -13.42 23.91
N GLN A 137 15.42 -12.98 23.70
CA GLN A 137 14.33 -13.91 23.42
C GLN A 137 14.41 -14.55 22.03
N ASN A 138 15.08 -13.87 21.10
CA ASN A 138 15.24 -14.41 19.74
C ASN A 138 16.44 -15.32 19.67
N LEU A 139 16.82 -15.85 20.82
CA LEU A 139 17.95 -16.74 20.90
C LEU A 139 17.52 -17.97 21.66
N LEU A 140 16.93 -18.93 20.95
CA LEU A 140 16.45 -20.17 21.54
C LEU A 140 17.58 -21.06 22.01
N ILE A 141 17.28 -21.84 23.04
CA ILE A 141 18.24 -22.77 23.62
C ILE A 141 17.49 -24.07 23.84
N ASN A 142 18.21 -25.19 23.75
CA ASN A 142 17.60 -26.49 23.98
C ASN A 142 18.23 -27.06 25.26
N LYS A 143 17.65 -28.12 25.80
CA LYS A 143 18.17 -28.72 27.02
C LYS A 143 19.65 -29.07 26.91
N ARG A 144 20.13 -29.24 25.68
CA ARG A 144 21.54 -29.58 25.47
C ARG A 144 22.45 -28.37 25.58
N GLY A 145 21.86 -27.22 25.91
CA GLY A 145 22.61 -25.98 26.08
C GLY A 145 22.98 -25.29 24.78
N GLN A 146 22.48 -25.81 23.66
CA GLN A 146 22.79 -25.23 22.37
C GLN A 146 21.96 -23.98 22.09
N LEU A 147 22.65 -22.93 21.64
CA LEU A 147 22.02 -21.68 21.32
C LEU A 147 21.83 -21.58 19.80
N LYS A 148 20.66 -21.09 19.38
CA LYS A 148 20.35 -20.95 17.96
C LYS A 148 19.57 -19.69 17.66
N LEU A 149 19.92 -19.00 16.57
CA LEU A 149 19.23 -17.78 16.17
C LEU A 149 17.77 -18.06 15.76
N GLY A 150 16.85 -17.18 16.12
CA GLY A 150 15.46 -17.42 15.78
C GLY A 150 14.73 -16.24 15.14
N ASP A 151 13.42 -16.43 14.95
CA ASP A 151 12.53 -15.45 14.31
C ASP A 151 13.18 -14.62 13.22
N PHE A 152 13.12 -15.13 11.99
CA PHE A 152 13.68 -14.43 10.85
C PHE A 152 12.61 -13.66 10.09
N GLY A 153 11.53 -13.31 10.82
CA GLY A 153 10.42 -12.58 10.26
C GLY A 153 10.75 -11.19 9.73
N LEU A 154 11.70 -10.51 10.37
CA LEU A 154 12.05 -9.18 9.90
C LEU A 154 13.37 -9.20 9.13
N ALA A 155 13.99 -10.37 9.03
CA ALA A 155 15.27 -10.46 8.34
C ALA A 155 15.08 -10.05 6.91
N ARG A 156 16.13 -10.17 6.11
CA ARG A 156 16.08 -9.84 4.69
C ARG A 156 17.39 -10.19 3.98
N ALA A 157 17.28 -10.54 2.70
CA ALA A 157 18.45 -10.89 1.93
C ALA A 157 19.03 -9.65 1.27
N PHE A 158 20.11 -9.13 1.84
CA PHE A 158 20.75 -7.95 1.31
C PHE A 158 21.53 -8.27 0.04
N GLY A 159 21.47 -9.53 -0.37
CA GLY A 159 22.12 -9.93 -1.60
C GLY A 159 21.25 -9.34 -2.71
N ILE A 160 20.03 -8.95 -2.35
CA ILE A 160 19.08 -8.34 -3.27
C ILE A 160 19.01 -6.84 -2.94
N PRO A 161 19.68 -6.00 -3.77
CA PRO A 161 19.80 -4.54 -3.65
C PRO A 161 18.53 -3.68 -3.70
N VAL A 162 17.51 -4.04 -2.93
CA VAL A 162 16.31 -3.23 -2.91
C VAL A 162 16.50 -2.03 -1.97
N ASN A 163 15.56 -1.09 -1.99
CA ASN A 163 15.66 0.08 -1.11
C ASN A 163 15.29 -0.33 0.30
N THR A 164 16.21 -0.11 1.24
CA THR A 164 15.96 -0.48 2.63
C THR A 164 15.12 0.49 3.44
N PHE A 165 14.40 -0.05 4.43
CA PHE A 165 13.54 0.72 5.30
C PHE A 165 13.42 -0.02 6.63
N SER A 166 13.99 0.55 7.70
CA SER A 166 13.92 -0.07 9.02
C SER A 166 12.45 -0.28 9.33
N SER A 167 12.13 -1.13 10.30
CA SER A 167 10.75 -1.37 10.65
C SER A 167 10.51 -1.32 12.16
N GLU A 168 9.25 -1.30 12.56
CA GLU A 168 8.90 -1.21 13.98
C GLU A 168 9.10 -2.49 14.79
N VAL A 169 9.86 -2.37 15.86
CA VAL A 169 10.13 -3.48 16.78
C VAL A 169 9.49 -3.10 18.15
N VAL A 170 9.26 -4.08 19.01
CA VAL A 170 8.64 -3.78 20.30
C VAL A 170 9.60 -3.14 21.31
N THR A 171 10.90 -3.38 21.13
CA THR A 171 11.91 -2.79 22.01
C THR A 171 13.04 -2.22 21.18
N LEU A 172 13.72 -1.21 21.73
CA LEU A 172 14.81 -0.57 21.03
C LEU A 172 16.12 -0.74 21.80
N TRP A 173 16.12 -1.63 22.79
CA TRP A 173 17.30 -1.90 23.60
C TRP A 173 18.50 -2.47 22.84
N TYR A 174 18.26 -3.01 21.65
CA TYR A 174 19.34 -3.61 20.88
C TYR A 174 19.55 -2.91 19.54
N ARG A 175 18.80 -1.83 19.32
CA ARG A 175 18.92 -1.09 18.07
C ARG A 175 20.17 -0.22 17.99
N ALA A 176 20.87 -0.31 16.87
CA ALA A 176 22.08 0.46 16.63
C ALA A 176 21.77 1.97 16.66
N PRO A 177 22.71 2.77 17.16
CA PRO A 177 22.46 4.21 17.20
C PRO A 177 22.15 4.81 15.83
N ASP A 178 23.03 4.57 14.85
CA ASP A 178 22.85 5.12 13.51
C ASP A 178 21.51 4.74 12.88
N VAL A 179 21.10 3.50 13.11
CA VAL A 179 19.82 3.03 12.60
C VAL A 179 18.72 3.87 13.25
N LEU A 180 18.86 4.14 14.55
CA LEU A 180 17.89 4.95 15.31
C LEU A 180 17.95 6.41 14.83
N MET A 181 19.03 6.77 14.16
CA MET A 181 19.17 8.12 13.65
C MET A 181 18.72 8.25 12.19
N GLY A 182 17.79 7.36 11.80
CA GLY A 182 17.22 7.37 10.46
C GLY A 182 17.96 6.67 9.32
N SER A 183 19.09 6.05 9.61
CA SER A 183 19.87 5.38 8.57
C SER A 183 19.10 4.34 7.78
N ARG A 184 19.35 4.35 6.48
CA ARG A 184 18.71 3.38 5.60
C ARG A 184 19.76 2.82 4.66
N THR A 185 21.02 2.85 5.09
CA THR A 185 22.10 2.35 4.25
C THR A 185 23.02 1.47 5.05
N TYR A 186 22.53 0.98 6.18
CA TYR A 186 23.33 0.09 7.00
C TYR A 186 23.47 -1.29 6.33
N SER A 187 24.44 -2.07 6.81
CA SER A 187 24.67 -3.40 6.28
C SER A 187 24.60 -4.41 7.44
N THR A 188 25.48 -5.41 7.38
CA THR A 188 25.56 -6.45 8.40
C THR A 188 25.92 -5.86 9.77
N SER A 189 26.45 -4.65 9.75
CA SER A 189 26.87 -3.93 10.96
C SER A 189 25.77 -3.80 12.02
N ILE A 190 24.53 -3.73 11.57
CA ILE A 190 23.39 -3.60 12.47
C ILE A 190 23.28 -4.74 13.45
N ASP A 191 23.58 -5.95 12.98
CA ASP A 191 23.45 -7.11 13.86
C ASP A 191 24.55 -7.23 14.91
N ILE A 192 25.74 -6.76 14.57
CA ILE A 192 26.88 -6.80 15.46
C ILE A 192 26.62 -5.98 16.71
N TRP A 193 26.03 -4.81 16.55
CA TRP A 193 25.74 -3.96 17.70
C TRP A 193 24.89 -4.76 18.69
N SER A 194 23.82 -5.37 18.20
CA SER A 194 22.96 -6.17 19.08
C SER A 194 23.79 -7.16 19.88
N CYS A 195 24.71 -7.85 19.20
CA CYS A 195 25.56 -8.83 19.85
C CYS A 195 26.32 -8.18 20.99
N GLY A 196 26.70 -6.93 20.79
CA GLY A 196 27.42 -6.21 21.82
C GLY A 196 26.51 -6.06 23.03
N CYS A 197 25.28 -5.63 22.78
CA CYS A 197 24.31 -5.46 23.85
C CYS A 197 24.02 -6.79 24.51
N ILE A 198 23.66 -7.78 23.70
CA ILE A 198 23.36 -9.11 24.20
C ILE A 198 24.46 -9.50 25.19
N LEU A 199 25.71 -9.33 24.78
CA LEU A 199 26.85 -9.69 25.60
C LEU A 199 26.82 -9.01 26.94
N ALA A 200 26.93 -7.69 26.92
CA ALA A 200 26.92 -6.90 28.15
C ALA A 200 25.81 -7.35 29.09
N GLU A 201 24.64 -7.66 28.55
CA GLU A 201 23.53 -8.11 29.36
C GLU A 201 23.78 -9.46 29.98
N MET A 202 24.45 -10.34 29.26
CA MET A 202 24.75 -11.67 29.78
C MET A 202 25.77 -11.59 30.91
N ILE A 203 26.68 -10.62 30.82
CA ILE A 203 27.70 -10.42 31.83
C ILE A 203 27.13 -9.79 33.11
N THR A 204 26.42 -8.68 32.96
CA THR A 204 25.84 -7.95 34.09
C THR A 204 24.47 -8.45 34.53
N GLY A 205 23.74 -9.09 33.64
CA GLY A 205 22.44 -9.62 34.00
C GLY A 205 21.28 -8.73 33.65
N LYS A 206 21.56 -7.49 33.24
CA LYS A 206 20.49 -6.56 32.89
C LYS A 206 20.80 -5.70 31.67
N PRO A 207 19.76 -5.16 31.03
CA PRO A 207 19.84 -4.31 29.84
C PRO A 207 20.81 -3.15 29.96
N LEU A 208 21.68 -3.02 28.98
CA LEU A 208 22.69 -1.96 28.95
C LEU A 208 22.14 -0.62 28.41
N PHE A 209 20.93 -0.64 27.86
CA PHE A 209 20.31 0.57 27.32
C PHE A 209 18.78 0.37 27.36
N PRO A 210 18.21 0.44 28.57
CA PRO A 210 16.76 0.26 28.79
C PRO A 210 15.87 1.38 28.27
N GLY A 211 16.25 1.98 27.14
CA GLY A 211 15.47 3.05 26.56
C GLY A 211 13.97 2.78 26.53
N THR A 212 13.17 3.82 26.31
CA THR A 212 11.73 3.65 26.29
C THR A 212 11.12 4.27 25.04
N ASN A 213 12.00 4.67 24.12
CA ASN A 213 11.59 5.27 22.86
C ASN A 213 12.86 5.70 22.13
N ASP A 214 12.75 5.90 20.82
CA ASP A 214 13.91 6.32 20.03
C ASP A 214 14.67 7.49 20.65
N GLU A 215 13.96 8.43 21.26
CA GLU A 215 14.60 9.59 21.89
C GLU A 215 15.42 9.14 23.10
N GLU A 216 14.76 8.46 24.04
CA GLU A 216 15.37 7.95 25.26
C GLU A 216 16.61 7.07 24.99
N GLN A 217 16.42 6.06 24.14
CA GLN A 217 17.48 5.12 23.78
C GLN A 217 18.74 5.84 23.33
N LEU A 218 18.62 6.66 22.30
CA LEU A 218 19.77 7.39 21.80
C LEU A 218 20.50 8.07 22.95
N LYS A 219 19.75 8.64 23.89
CA LYS A 219 20.40 9.32 24.99
C LYS A 219 21.27 8.36 25.78
N LEU A 220 20.65 7.31 26.29
CA LEU A 220 21.35 6.29 27.07
C LEU A 220 22.58 5.72 26.34
N ILE A 221 22.47 5.54 25.02
CA ILE A 221 23.59 5.02 24.27
C ILE A 221 24.70 6.04 24.30
N PHE A 222 24.35 7.30 24.06
CA PHE A 222 25.32 8.39 24.07
C PHE A 222 25.87 8.65 25.48
N ASP A 223 25.07 8.35 26.50
CA ASP A 223 25.50 8.55 27.87
C ASP A 223 26.79 7.79 28.18
N ILE A 224 26.85 6.54 27.76
CA ILE A 224 28.03 5.73 28.05
C ILE A 224 29.06 5.72 26.91
N MET A 225 28.60 5.91 25.69
CA MET A 225 29.47 5.88 24.53
C MET A 225 29.96 7.25 24.17
N GLY A 226 29.28 8.25 24.71
CA GLY A 226 29.63 9.62 24.39
C GLY A 226 28.80 9.95 23.16
N THR A 227 28.89 11.17 22.69
CA THR A 227 28.13 11.58 21.51
C THR A 227 28.98 11.23 20.28
N PRO A 228 28.35 11.18 19.10
CA PRO A 228 29.07 10.85 17.86
C PRO A 228 30.25 11.79 17.64
N ASN A 229 31.36 11.27 17.12
CA ASN A 229 32.56 12.06 16.85
C ASN A 229 32.68 12.35 15.34
N GLU A 230 32.08 13.45 14.89
CA GLU A 230 32.11 13.81 13.48
C GLU A 230 33.44 13.69 12.75
N SER A 231 34.50 13.33 13.47
CA SER A 231 35.83 13.18 12.88
C SER A 231 36.25 11.71 12.73
N LEU A 232 35.63 10.86 13.55
CA LEU A 232 35.88 9.43 13.53
C LEU A 232 34.65 8.79 12.90
N TRP A 233 33.64 9.61 12.63
CA TRP A 233 32.40 9.13 12.05
C TRP A 233 31.73 10.25 11.25
N PRO A 234 32.42 10.77 10.24
CA PRO A 234 31.96 11.85 9.35
C PRO A 234 30.58 11.62 8.74
N SER A 235 30.31 10.39 8.33
CA SER A 235 29.03 10.09 7.70
C SER A 235 27.78 10.34 8.54
N VAL A 236 27.96 10.48 9.85
CA VAL A 236 26.82 10.70 10.76
C VAL A 236 26.02 11.96 10.40
N THR A 237 26.69 12.93 9.78
CA THR A 237 26.01 14.16 9.39
C THR A 237 24.97 13.83 8.33
N LYS A 238 25.20 12.79 7.55
CA LYS A 238 24.26 12.36 6.51
C LYS A 238 22.99 11.76 7.12
N LEU A 239 23.09 11.30 8.36
CA LEU A 239 21.95 10.68 9.02
C LEU A 239 20.77 11.62 9.18
N PRO A 240 19.63 11.24 8.61
CA PRO A 240 18.40 12.03 8.68
C PRO A 240 17.95 12.57 10.04
N LYS A 241 18.12 11.79 11.10
CA LYS A 241 17.72 12.24 12.44
C LYS A 241 18.92 12.70 13.28
N TYR A 242 19.95 13.17 12.60
CA TYR A 242 21.16 13.62 13.26
C TYR A 242 20.93 14.99 13.87
N ASN A 243 21.67 15.28 14.93
CA ASN A 243 21.55 16.55 15.62
C ASN A 243 22.88 17.28 15.61
N PRO A 244 23.05 18.21 14.66
CA PRO A 244 24.29 18.97 14.52
C PRO A 244 24.76 19.63 15.81
N ASN A 245 23.84 20.19 16.58
CA ASN A 245 24.21 20.86 17.82
C ASN A 245 23.62 20.22 19.07
N ILE A 246 24.17 19.07 19.43
CA ILE A 246 23.72 18.33 20.60
C ILE A 246 24.79 18.38 21.68
N GLN A 247 24.32 18.36 22.92
CA GLN A 247 25.21 18.40 24.08
C GLN A 247 26.23 17.29 23.98
N GLN A 248 27.43 17.62 23.52
CA GLN A 248 28.49 16.63 23.39
C GLN A 248 28.79 16.02 24.74
N ARG A 249 29.30 14.81 24.73
CA ARG A 249 29.65 14.11 25.95
C ARG A 249 30.85 13.23 25.63
N PRO A 250 31.67 12.90 26.64
CA PRO A 250 32.82 12.04 26.38
C PRO A 250 32.42 10.58 26.65
N PRO A 251 33.26 9.63 26.22
CA PRO A 251 32.77 8.30 26.55
C PRO A 251 33.03 7.97 28.01
N ARG A 252 32.02 7.43 28.67
CA ARG A 252 32.16 7.02 30.04
C ARG A 252 32.98 5.75 29.82
N ASP A 253 33.69 5.23 30.82
CA ASP A 253 34.47 4.01 30.56
C ASP A 253 33.70 2.73 30.94
N LEU A 254 33.69 1.76 30.02
CA LEU A 254 32.96 0.52 30.23
C LEU A 254 33.17 -0.22 31.53
N ARG A 255 34.42 -0.47 31.89
CA ARG A 255 34.69 -1.19 33.12
C ARG A 255 33.89 -0.69 34.31
N GLN A 256 33.95 0.62 34.58
CA GLN A 256 33.24 1.19 35.71
C GLN A 256 31.72 1.26 35.53
N VAL A 257 31.21 0.69 34.44
CA VAL A 257 29.77 0.68 34.21
C VAL A 257 29.26 -0.73 34.44
N LEU A 258 30.04 -1.70 33.99
CA LEU A 258 29.67 -3.10 34.13
C LEU A 258 30.23 -3.71 35.42
N GLN A 259 31.54 -3.86 35.46
CA GLN A 259 32.26 -4.44 36.59
C GLN A 259 31.47 -4.42 37.90
N PRO A 260 31.10 -3.23 38.40
CA PRO A 260 30.34 -3.17 39.65
C PRO A 260 29.10 -4.07 39.75
N HIS A 261 28.64 -4.62 38.63
CA HIS A 261 27.46 -5.48 38.62
C HIS A 261 27.76 -6.89 38.16
N THR A 262 29.03 -7.24 38.12
CA THR A 262 29.46 -8.57 37.70
C THR A 262 30.45 -9.08 38.73
N LYS A 263 30.30 -10.33 39.16
CA LYS A 263 31.18 -10.92 40.18
C LYS A 263 32.39 -11.71 39.66
N GLU A 264 33.04 -11.16 38.65
CA GLU A 264 34.22 -11.78 38.06
C GLU A 264 35.00 -10.66 37.38
N PRO A 265 36.33 -10.65 37.56
CA PRO A 265 37.18 -9.61 36.95
C PRO A 265 37.09 -9.60 35.43
N LEU A 266 36.39 -8.60 34.87
CA LEU A 266 36.26 -8.50 33.42
C LEU A 266 37.66 -8.31 32.86
N ASP A 267 38.25 -9.41 32.39
CA ASP A 267 39.61 -9.36 31.87
C ASP A 267 39.77 -8.36 30.73
N GLY A 268 40.99 -8.21 30.24
CA GLY A 268 41.25 -7.27 29.17
C GLY A 268 40.53 -7.60 27.89
N ASN A 269 40.85 -8.76 27.29
CA ASN A 269 40.24 -9.17 26.04
C ASN A 269 38.74 -8.96 25.96
N LEU A 270 38.01 -9.50 26.93
CA LEU A 270 36.56 -9.36 26.93
C LEU A 270 36.20 -7.91 26.66
N MET A 271 36.91 -7.01 27.35
CA MET A 271 36.68 -5.58 27.18
C MET A 271 36.96 -5.13 25.76
N ASP A 272 38.18 -5.36 25.31
CA ASP A 272 38.54 -4.95 23.96
C ASP A 272 37.49 -5.48 22.99
N PHE A 273 37.13 -6.75 23.15
CA PHE A 273 36.12 -7.38 22.29
C PHE A 273 34.83 -6.58 22.43
N LEU A 274 34.41 -6.38 23.68
CA LEU A 274 33.18 -5.63 23.93
C LEU A 274 33.18 -4.27 23.25
N HIS A 275 34.34 -3.62 23.21
CA HIS A 275 34.42 -2.32 22.56
C HIS A 275 34.35 -2.43 21.05
N GLY A 276 34.90 -3.52 20.51
CA GLY A 276 34.88 -3.76 19.08
C GLY A 276 33.49 -3.99 18.50
N LEU A 277 32.58 -4.43 19.35
CA LEU A 277 31.21 -4.68 18.91
C LEU A 277 30.35 -3.44 19.21
N LEU A 278 30.75 -2.65 20.20
CA LEU A 278 29.96 -1.48 20.55
C LEU A 278 30.52 -0.14 20.11
N GLN A 279 30.85 -0.02 18.84
CA GLN A 279 31.33 1.24 18.29
C GLN A 279 30.07 1.99 17.84
N LEU A 280 30.15 3.31 17.66
CA LEU A 280 28.99 4.07 17.20
C LEU A 280 29.02 4.06 15.67
N ASN A 281 30.22 4.29 15.12
CA ASN A 281 30.43 4.29 13.68
C ASN A 281 30.33 2.86 13.12
N PRO A 282 29.27 2.57 12.37
CA PRO A 282 29.10 1.24 11.81
C PRO A 282 30.40 0.67 11.27
N ASP A 283 30.99 1.38 10.31
CA ASP A 283 32.22 0.96 9.65
C ASP A 283 33.32 0.60 10.61
N MET A 284 33.19 1.02 11.86
CA MET A 284 34.22 0.71 12.86
C MET A 284 33.84 -0.51 13.66
N ARG A 285 32.62 -0.97 13.48
CA ARG A 285 32.18 -2.15 14.18
C ARG A 285 32.84 -3.37 13.56
N LEU A 286 33.23 -4.28 14.42
CA LEU A 286 33.90 -5.54 14.07
C LEU A 286 32.86 -6.36 13.30
N SER A 287 33.33 -7.32 12.50
CA SER A 287 32.42 -8.21 11.75
C SER A 287 32.29 -9.53 12.50
N ALA A 288 31.24 -10.30 12.24
CA ALA A 288 31.07 -11.55 12.92
C ALA A 288 32.31 -12.43 12.68
N LYS A 289 32.83 -12.40 11.46
CA LYS A 289 34.03 -13.16 11.13
C LYS A 289 35.18 -12.72 12.01
N GLN A 290 35.44 -11.41 12.01
CA GLN A 290 36.51 -10.83 12.82
C GLN A 290 36.28 -11.13 14.27
N ALA A 291 35.04 -10.96 14.70
CA ALA A 291 34.69 -11.24 16.08
C ALA A 291 35.15 -12.65 16.47
N LEU A 292 34.79 -13.64 15.67
CA LEU A 292 35.16 -15.03 15.94
C LEU A 292 36.65 -15.27 16.00
N HIS A 293 37.44 -14.29 15.58
CA HIS A 293 38.88 -14.47 15.58
C HIS A 293 39.57 -13.52 16.54
N HIS A 294 38.79 -12.94 17.43
CA HIS A 294 39.32 -12.03 18.40
C HIS A 294 40.04 -12.85 19.46
N PRO A 295 41.15 -12.35 19.98
CA PRO A 295 41.90 -13.09 21.00
C PRO A 295 41.06 -13.65 22.15
N TRP A 296 39.90 -13.03 22.42
CA TRP A 296 39.05 -13.48 23.52
C TRP A 296 38.55 -14.92 23.37
N PHE A 297 38.64 -15.47 22.15
CA PHE A 297 38.20 -16.83 21.85
C PHE A 297 39.37 -17.73 21.44
N ALA A 298 40.60 -17.29 21.71
CA ALA A 298 41.79 -18.06 21.35
C ALA A 298 41.68 -19.52 21.75
N GLU A 299 41.39 -19.76 23.03
CA GLU A 299 41.28 -21.12 23.57
C GLU A 299 40.39 -22.08 22.78
N TYR A 300 39.50 -21.56 21.96
CA TYR A 300 38.65 -22.43 21.16
C TYR A 300 39.36 -22.95 19.94
N TYR A 301 40.60 -22.52 19.75
CA TYR A 301 41.35 -22.94 18.59
C TYR A 301 42.60 -23.75 18.94
N HIS A 302 43.34 -24.14 17.91
CA HIS A 302 44.57 -24.93 18.06
C HIS A 302 44.22 -26.35 18.48
N GLY B 17 15.10 5.36 -38.95
CA GLY B 17 16.07 5.94 -37.97
C GLY B 17 15.49 5.97 -36.56
N ILE B 18 16.20 5.38 -35.60
CA ILE B 18 15.72 5.33 -34.22
C ILE B 18 16.77 5.64 -33.17
N PRO B 19 16.35 6.30 -32.07
CA PRO B 19 17.23 6.70 -30.95
C PRO B 19 18.16 5.56 -30.56
N LYS B 20 19.11 5.83 -29.67
CA LYS B 20 20.05 4.79 -29.26
C LYS B 20 20.61 4.99 -27.86
N VAL B 21 19.78 4.77 -26.85
CA VAL B 21 20.18 4.93 -25.46
C VAL B 21 21.23 3.89 -25.05
N ILE B 22 22.15 4.30 -24.18
CA ILE B 22 23.20 3.41 -23.68
C ILE B 22 22.92 3.20 -22.21
N LEU B 23 22.67 1.95 -21.82
CA LEU B 23 22.34 1.61 -20.43
C LEU B 23 23.55 1.42 -19.53
N PRO B 24 23.35 1.53 -18.20
CA PRO B 24 24.31 1.39 -17.11
C PRO B 24 24.59 -0.09 -16.86
N ALA B 25 25.77 -0.42 -16.36
CA ALA B 25 26.08 -1.82 -16.08
C ALA B 25 25.23 -2.31 -14.91
N ASP B 26 24.68 -1.35 -14.15
CA ASP B 26 23.84 -1.65 -12.98
C ASP B 26 22.36 -1.34 -13.25
N PHE B 27 21.54 -2.40 -13.35
CA PHE B 27 20.11 -2.23 -13.61
C PHE B 27 19.40 -1.32 -12.62
N ASN B 28 20.05 -1.03 -11.49
CA ASN B 28 19.46 -0.15 -10.48
C ASN B 28 19.55 1.31 -10.94
N LYS B 29 20.67 1.64 -11.57
CA LYS B 29 20.89 2.99 -12.07
C LYS B 29 20.30 3.12 -13.46
N CYS B 30 19.32 2.30 -13.76
CA CYS B 30 18.68 2.30 -15.07
C CYS B 30 17.20 2.66 -14.93
N SER B 31 16.64 3.32 -15.95
CA SER B 31 15.24 3.75 -15.94
C SER B 31 14.19 2.65 -15.78
N ARG B 32 13.39 2.71 -14.72
CA ARG B 32 12.36 1.68 -14.51
C ARG B 32 11.49 1.51 -15.75
N THR B 33 11.33 2.59 -16.50
CA THR B 33 10.54 2.52 -17.72
C THR B 33 11.33 1.71 -18.73
N ASP B 34 12.61 2.04 -18.91
CA ASP B 34 13.43 1.29 -19.86
C ASP B 34 13.44 -0.21 -19.55
N LEU B 35 13.35 -0.58 -18.29
CA LEU B 35 13.32 -1.99 -17.95
C LEU B 35 12.03 -2.59 -18.49
N VAL B 36 10.91 -2.14 -17.96
CA VAL B 36 9.63 -2.62 -18.43
C VAL B 36 9.64 -2.83 -19.94
N VAL B 37 10.30 -1.95 -20.70
CA VAL B 37 10.30 -2.16 -22.14
C VAL B 37 11.14 -3.39 -22.45
N LEU B 38 12.41 -3.37 -22.03
CA LEU B 38 13.28 -4.52 -22.26
C LEU B 38 12.61 -5.81 -21.79
N ILE B 39 11.98 -5.79 -20.62
CA ILE B 39 11.34 -6.99 -20.13
C ILE B 39 10.13 -7.37 -20.99
N SER B 40 9.23 -6.42 -21.22
CA SER B 40 8.04 -6.68 -22.02
C SER B 40 8.39 -7.27 -23.39
N ARG B 41 9.41 -6.69 -24.03
CA ARG B 41 9.84 -7.16 -25.34
C ARG B 41 10.19 -8.63 -25.23
N MET B 42 11.11 -8.94 -24.32
CA MET B 42 11.52 -10.31 -24.10
C MET B 42 10.29 -11.19 -23.86
N LEU B 43 9.36 -10.66 -23.08
CA LEU B 43 8.14 -11.38 -22.72
C LEU B 43 7.22 -11.76 -23.88
N VAL B 44 7.07 -10.90 -24.88
CA VAL B 44 6.20 -11.24 -26.01
C VAL B 44 6.99 -12.08 -26.99
N SER B 45 8.31 -12.05 -26.85
CA SER B 45 9.18 -12.82 -27.71
C SER B 45 9.04 -14.29 -27.32
N LEU B 46 9.06 -14.54 -26.02
CA LEU B 46 8.92 -15.91 -25.53
C LEU B 46 7.51 -16.37 -25.84
N ILE B 47 6.57 -15.43 -25.90
CA ILE B 47 5.20 -15.81 -26.18
C ILE B 47 5.04 -16.19 -27.63
N ALA B 48 5.73 -15.45 -28.48
CA ALA B 48 5.69 -15.73 -29.91
C ALA B 48 6.24 -17.13 -30.15
N ILE B 49 7.49 -17.34 -29.75
CA ILE B 49 8.18 -18.60 -29.91
C ILE B 49 7.51 -19.79 -29.23
N ASN B 50 6.97 -19.58 -28.04
CA ASN B 50 6.33 -20.68 -27.32
C ASN B 50 5.02 -21.09 -27.98
N GLU B 51 4.43 -20.18 -28.75
CA GLU B 51 3.19 -20.49 -29.42
C GLU B 51 3.49 -20.91 -30.84
N ASN B 52 4.70 -20.63 -31.28
CA ASN B 52 5.15 -21.02 -32.61
C ASN B 52 5.11 -22.54 -32.68
N SER B 53 5.01 -23.16 -31.50
CA SER B 53 4.95 -24.62 -31.39
C SER B 53 3.55 -25.11 -31.00
N ILE B 62 -4.04 -27.15 -23.37
CA ILE B 62 -4.53 -28.49 -23.05
C ILE B 62 -5.04 -28.47 -21.61
N THR B 63 -4.17 -28.77 -20.65
CA THR B 63 -4.59 -28.71 -19.26
C THR B 63 -4.23 -27.33 -18.63
N LEU B 64 -5.27 -26.62 -18.25
CA LEU B 64 -5.21 -25.27 -17.68
C LEU B 64 -4.57 -25.09 -16.31
N THR B 65 -3.96 -23.92 -16.13
CA THR B 65 -3.32 -23.53 -14.88
C THR B 65 -4.06 -22.30 -14.35
N ARG B 66 -3.84 -21.99 -13.07
CA ARG B 66 -4.48 -20.83 -12.45
C ARG B 66 -4.17 -19.56 -13.22
N TYR B 67 -3.06 -19.58 -13.96
CA TYR B 67 -2.62 -18.43 -14.72
C TYR B 67 -3.25 -18.25 -16.08
N HIS B 68 -4.18 -19.14 -16.42
CA HIS B 68 -4.85 -19.07 -17.70
C HIS B 68 -6.05 -18.15 -17.67
N SER B 69 -6.17 -17.32 -18.70
CA SER B 69 -7.31 -16.41 -18.85
C SER B 69 -8.16 -17.06 -19.94
N LYS B 70 -9.46 -16.81 -19.95
CA LYS B 70 -10.31 -17.42 -20.98
C LYS B 70 -10.01 -17.00 -22.41
N ILE B 71 -9.34 -15.86 -22.58
CA ILE B 71 -8.96 -15.35 -23.91
C ILE B 71 -7.94 -14.23 -23.76
N PRO B 72 -7.11 -14.01 -24.78
CA PRO B 72 -6.07 -12.96 -24.73
C PRO B 72 -6.63 -11.58 -24.34
N PRO B 73 -6.19 -11.03 -23.20
CA PRO B 73 -6.68 -9.71 -22.77
C PRO B 73 -6.34 -8.71 -23.86
N ASN B 74 -7.18 -7.69 -24.01
CA ASN B 74 -6.97 -6.69 -25.05
C ASN B 74 -5.75 -5.81 -24.75
N ILE B 75 -5.54 -5.47 -23.48
CA ILE B 75 -4.40 -4.65 -23.12
C ILE B 75 -3.07 -5.35 -23.40
N SER B 76 -2.19 -4.66 -24.10
CA SER B 76 -0.88 -5.22 -24.40
C SER B 76 -0.14 -5.52 -23.09
N ILE B 77 0.90 -6.33 -23.22
CA ILE B 77 1.70 -6.76 -22.09
C ILE B 77 2.37 -5.56 -21.42
N PHE B 78 2.98 -4.71 -22.26
CA PHE B 78 3.68 -3.50 -21.82
C PHE B 78 2.76 -2.50 -21.11
N ASN B 79 1.59 -2.26 -21.71
CA ASN B 79 0.62 -1.34 -21.13
C ASN B 79 0.13 -1.87 -19.78
N TYR B 80 0.22 -3.18 -19.58
CA TYR B 80 -0.21 -3.76 -18.32
C TYR B 80 0.92 -3.64 -17.28
N PHE B 81 2.16 -3.83 -17.73
CA PHE B 81 3.33 -3.75 -16.87
C PHE B 81 3.55 -2.36 -16.21
N ILE B 82 3.69 -1.29 -17.02
CA ILE B 82 3.93 0.06 -16.46
C ILE B 82 2.90 0.41 -15.41
N ARG B 83 1.65 0.15 -15.75
CA ARG B 83 0.56 0.42 -14.84
C ARG B 83 0.88 -0.23 -13.50
N LEU B 84 1.13 -1.55 -13.51
CA LEU B 84 1.46 -2.26 -12.28
C LEU B 84 2.69 -1.59 -11.69
N THR B 85 3.62 -1.23 -12.56
CA THR B 85 4.87 -0.59 -12.16
C THR B 85 4.70 0.80 -11.53
N LYS B 86 3.80 1.60 -12.08
CA LYS B 86 3.57 2.96 -11.60
C LYS B 86 2.71 3.07 -10.37
N PHE B 87 1.54 2.45 -10.41
CA PHE B 87 0.60 2.52 -9.32
C PHE B 87 0.80 1.53 -8.16
N SER B 88 2.02 1.00 -8.08
CA SER B 88 2.40 0.07 -7.02
C SER B 88 3.88 0.21 -6.79
N SER B 89 4.45 1.25 -7.39
CA SER B 89 5.85 1.58 -7.29
C SER B 89 6.74 0.35 -7.09
N LEU B 90 6.63 -0.58 -8.03
CA LEU B 90 7.43 -1.77 -7.98
C LEU B 90 8.88 -1.33 -8.20
N GLU B 91 9.78 -1.87 -7.38
CA GLU B 91 11.23 -1.58 -7.46
C GLU B 91 11.90 -2.36 -8.60
N HIS B 92 13.06 -1.87 -9.03
CA HIS B 92 13.86 -2.48 -10.10
C HIS B 92 14.06 -3.99 -9.96
N CYS B 93 14.79 -4.39 -8.92
CA CYS B 93 15.02 -5.81 -8.65
C CYS B 93 13.70 -6.58 -8.78
N VAL B 94 12.62 -6.05 -8.24
CA VAL B 94 11.35 -6.75 -8.35
C VAL B 94 10.96 -6.94 -9.83
N LEU B 95 11.35 -6.01 -10.68
CA LEU B 95 11.03 -6.11 -12.10
C LEU B 95 11.80 -7.28 -12.71
N MET B 96 13.10 -7.29 -12.50
CA MET B 96 13.94 -8.35 -13.02
C MET B 96 13.44 -9.70 -12.48
N THR B 97 13.38 -9.81 -11.16
CA THR B 97 12.92 -11.02 -10.51
C THR B 97 11.68 -11.58 -11.19
N SER B 98 10.73 -10.72 -11.51
CA SER B 98 9.51 -11.18 -12.16
C SER B 98 9.84 -12.01 -13.40
N LEU B 99 10.70 -11.45 -14.26
CA LEU B 99 11.11 -12.13 -15.47
C LEU B 99 11.76 -13.46 -15.11
N TYR B 100 12.76 -13.40 -14.25
CA TYR B 100 13.45 -14.60 -13.81
C TYR B 100 12.46 -15.64 -13.27
N TYR B 101 11.40 -15.17 -12.61
CA TYR B 101 10.39 -16.07 -12.09
C TYR B 101 9.73 -16.89 -13.20
N ILE B 102 9.95 -16.50 -14.45
CA ILE B 102 9.38 -17.21 -15.59
C ILE B 102 10.18 -18.49 -15.78
N ASP B 103 11.49 -18.35 -15.90
CA ASP B 103 12.36 -19.49 -16.08
C ASP B 103 12.24 -20.40 -14.86
N LEU B 104 11.83 -19.85 -13.72
CA LEU B 104 11.71 -20.69 -12.53
C LEU B 104 10.44 -21.51 -12.54
N LEU B 105 9.33 -20.90 -12.96
CA LEU B 105 8.07 -21.62 -13.01
C LEU B 105 8.03 -22.57 -14.22
N GLN B 106 8.49 -22.12 -15.39
CA GLN B 106 8.49 -23.00 -16.57
C GLN B 106 9.27 -24.27 -16.29
N THR B 107 10.24 -24.19 -15.39
CA THR B 107 11.06 -25.35 -15.05
C THR B 107 10.46 -26.28 -14.00
N VAL B 108 9.75 -25.74 -13.01
CA VAL B 108 9.22 -26.59 -11.93
C VAL B 108 7.70 -26.78 -11.89
N TYR B 109 7.07 -26.44 -13.00
CA TYR B 109 5.63 -26.57 -13.14
C TYR B 109 5.40 -26.88 -14.61
N PRO B 110 5.54 -28.16 -14.99
CA PRO B 110 5.35 -28.57 -16.38
C PRO B 110 4.16 -27.94 -17.08
N ASP B 111 2.97 -28.01 -16.48
CA ASP B 111 1.78 -27.42 -17.11
C ASP B 111 1.94 -25.94 -17.47
N PHE B 112 2.54 -25.16 -16.57
CA PHE B 112 2.74 -23.75 -16.82
C PHE B 112 3.64 -23.43 -17.99
N THR B 113 3.11 -22.71 -18.97
CA THR B 113 3.92 -22.33 -20.11
C THR B 113 3.61 -20.91 -20.53
N LEU B 114 4.63 -20.07 -20.54
CA LEU B 114 4.43 -18.66 -20.89
C LEU B 114 3.95 -18.52 -22.31
N ASN B 115 2.73 -18.07 -22.46
CA ASN B 115 2.18 -17.83 -23.78
C ASN B 115 1.15 -16.73 -23.60
N SER B 116 0.80 -16.07 -24.70
CA SER B 116 -0.14 -14.98 -24.63
C SER B 116 -1.52 -15.43 -24.19
N LEU B 117 -1.58 -16.08 -23.03
CA LEU B 117 -2.87 -16.52 -22.50
C LEU B 117 -2.67 -16.70 -21.01
N THR B 118 -1.41 -16.60 -20.59
CA THR B 118 -1.03 -16.74 -19.18
C THR B 118 -0.23 -15.54 -18.66
N ALA B 119 0.50 -14.91 -19.58
CA ALA B 119 1.37 -13.78 -19.27
C ALA B 119 0.86 -12.80 -18.20
N HIS B 120 -0.23 -12.10 -18.50
CA HIS B 120 -0.78 -11.12 -17.56
C HIS B 120 -0.96 -11.67 -16.17
N ARG B 121 -1.87 -12.62 -16.04
CA ARG B 121 -2.16 -13.23 -14.75
C ARG B 121 -0.87 -13.66 -14.07
N PHE B 122 0.08 -14.14 -14.85
CA PHE B 122 1.36 -14.53 -14.27
C PHE B 122 2.04 -13.29 -13.73
N LEU B 123 2.22 -12.31 -14.61
CA LEU B 123 2.89 -11.05 -14.28
C LEU B 123 2.37 -10.40 -13.01
N LEU B 124 1.05 -10.36 -12.87
CA LEU B 124 0.45 -9.80 -11.66
C LEU B 124 1.09 -10.60 -10.53
N THR B 125 0.70 -11.86 -10.38
CA THR B 125 1.24 -12.73 -9.32
C THR B 125 2.76 -12.64 -9.12
N ALA B 126 3.51 -12.88 -10.18
CA ALA B 126 4.97 -12.83 -10.12
C ALA B 126 5.43 -11.57 -9.40
N THR B 127 5.07 -10.43 -9.99
CA THR B 127 5.41 -9.12 -9.49
C THR B 127 4.99 -8.84 -8.02
N THR B 128 3.73 -9.13 -7.67
CA THR B 128 3.31 -8.89 -6.31
C THR B 128 4.01 -9.82 -5.33
N VAL B 129 4.50 -10.98 -5.78
CA VAL B 129 5.19 -11.88 -4.84
C VAL B 129 6.68 -11.54 -4.67
N ALA B 130 7.32 -11.06 -5.73
CA ALA B 130 8.73 -10.72 -5.64
C ALA B 130 8.89 -9.58 -4.66
N THR B 131 7.88 -8.72 -4.67
CA THR B 131 7.85 -7.54 -3.82
C THR B 131 7.67 -7.88 -2.35
N LYS B 132 6.62 -8.64 -2.04
CA LYS B 132 6.36 -9.00 -0.67
C LYS B 132 7.45 -9.86 -0.03
N GLY B 133 7.92 -10.86 -0.75
CA GLY B 133 8.93 -11.73 -0.16
C GLY B 133 10.35 -11.19 -0.15
N LEU B 134 10.61 -10.17 -0.97
CA LEU B 134 11.95 -9.62 -1.05
C LEU B 134 12.14 -8.15 -0.68
N CYS B 135 11.07 -7.40 -0.49
CA CYS B 135 11.24 -5.98 -0.22
C CYS B 135 10.80 -5.42 1.15
N ASP B 136 11.35 -4.25 1.50
CA ASP B 136 11.00 -3.59 2.75
C ASP B 136 9.69 -2.85 2.56
N SER B 137 9.56 -2.14 1.44
CA SER B 137 8.33 -1.43 1.12
C SER B 137 7.44 -2.37 0.29
N PHE B 138 6.24 -2.68 0.80
CA PHE B 138 5.32 -3.54 0.08
C PHE B 138 3.87 -3.28 0.48
N SER B 139 2.94 -3.51 -0.45
CA SER B 139 1.53 -3.27 -0.17
C SER B 139 0.76 -4.51 0.27
N THR B 140 -0.56 -4.39 0.20
CA THR B 140 -1.46 -5.47 0.56
C THR B 140 -1.95 -6.06 -0.74
N ASN B 141 -2.41 -7.31 -0.70
CA ASN B 141 -2.89 -7.98 -1.89
C ASN B 141 -4.06 -7.26 -2.51
N ALA B 142 -4.95 -6.76 -1.65
CA ALA B 142 -6.13 -6.03 -2.13
C ALA B 142 -5.71 -4.80 -2.93
N HIS B 143 -4.65 -4.12 -2.53
CA HIS B 143 -4.17 -2.95 -3.28
C HIS B 143 -3.72 -3.44 -4.65
N TYR B 144 -2.86 -4.46 -4.61
CA TYR B 144 -2.29 -5.10 -5.80
C TYR B 144 -3.38 -5.59 -6.70
N ALA B 145 -4.39 -6.22 -6.11
CA ALA B 145 -5.51 -6.75 -6.87
C ALA B 145 -6.22 -5.63 -7.63
N LYS B 146 -6.43 -4.51 -6.95
CA LYS B 146 -7.12 -3.34 -7.53
C LYS B 146 -6.35 -2.77 -8.70
N VAL B 147 -5.07 -2.54 -8.50
CA VAL B 147 -4.27 -1.99 -9.57
C VAL B 147 -4.22 -3.01 -10.71
N GLY B 148 -4.10 -4.29 -10.36
CA GLY B 148 -4.00 -5.36 -11.34
C GLY B 148 -5.27 -5.63 -12.13
N GLY B 149 -6.40 -5.27 -11.55
CA GLY B 149 -7.65 -5.47 -12.24
C GLY B 149 -8.34 -6.77 -11.94
N VAL B 150 -8.21 -7.25 -10.71
CA VAL B 150 -8.84 -8.50 -10.32
C VAL B 150 -9.32 -8.46 -8.86
N ARG B 151 -10.18 -9.41 -8.51
CA ARG B 151 -10.72 -9.53 -7.16
C ARG B 151 -9.61 -9.96 -6.20
N CYS B 152 -9.60 -9.39 -5.00
CA CYS B 152 -8.57 -9.75 -4.04
C CYS B 152 -8.45 -11.27 -3.87
N HIS B 153 -9.57 -11.94 -3.59
CA HIS B 153 -9.54 -13.40 -3.44
C HIS B 153 -8.88 -14.04 -4.68
N GLU B 154 -9.19 -13.52 -5.88
CA GLU B 154 -8.61 -14.03 -7.12
C GLU B 154 -7.10 -13.97 -7.03
N LEU B 155 -6.58 -12.86 -6.48
CA LEU B 155 -5.14 -12.70 -6.34
C LEU B 155 -4.56 -13.51 -5.18
N ASN B 156 -5.33 -13.69 -4.13
CA ASN B 156 -4.88 -14.49 -3.01
C ASN B 156 -4.49 -15.88 -3.51
N ILE B 157 -5.49 -16.66 -3.96
CA ILE B 157 -5.23 -18.01 -4.46
C ILE B 157 -4.21 -18.00 -5.59
N LEU B 158 -4.25 -16.97 -6.42
CA LEU B 158 -3.30 -16.87 -7.50
C LEU B 158 -1.85 -16.76 -6.94
N GLU B 159 -1.71 -16.25 -5.72
CA GLU B 159 -0.41 -16.11 -5.06
C GLU B 159 -0.03 -17.37 -4.26
N ASN B 160 -1.05 -17.98 -3.68
CA ASN B 160 -0.87 -19.18 -2.88
C ASN B 160 -0.39 -20.31 -3.76
N ASP B 161 -1.02 -20.41 -4.93
CA ASP B 161 -0.69 -21.41 -5.94
C ASP B 161 0.77 -21.33 -6.32
N PHE B 162 1.17 -20.18 -6.87
CA PHE B 162 2.57 -19.99 -7.25
C PHE B 162 3.55 -20.29 -6.12
N LEU B 163 3.20 -19.90 -4.91
CA LEU B 163 4.09 -20.15 -3.78
C LEU B 163 4.26 -21.64 -3.49
N LYS B 164 3.21 -22.42 -3.74
CA LYS B 164 3.29 -23.86 -3.48
C LYS B 164 4.11 -24.58 -4.55
N ARG B 165 3.94 -24.17 -5.79
CA ARG B 165 4.66 -24.79 -6.87
C ARG B 165 6.14 -24.46 -6.90
N VAL B 166 6.60 -23.68 -5.92
CA VAL B 166 7.99 -23.27 -5.89
C VAL B 166 8.61 -23.53 -4.54
N ASN B 167 7.75 -23.90 -3.59
CA ASN B 167 8.18 -24.16 -2.22
C ASN B 167 8.86 -22.94 -1.61
N TYR B 168 8.24 -21.79 -1.84
CA TYR B 168 8.74 -20.51 -1.36
C TYR B 168 10.21 -20.30 -1.69
N ARG B 169 10.63 -20.71 -2.88
CA ARG B 169 12.02 -20.55 -3.30
C ARG B 169 12.09 -19.42 -4.30
N ILE B 170 11.74 -18.25 -3.79
CA ILE B 170 11.66 -17.00 -4.54
C ILE B 170 12.93 -16.14 -4.59
N ILE B 171 13.95 -16.45 -3.78
CA ILE B 171 15.17 -15.63 -3.78
C ILE B 171 16.08 -15.98 -4.98
N PRO B 172 16.16 -15.07 -5.96
CA PRO B 172 16.97 -15.29 -7.15
C PRO B 172 18.45 -15.43 -6.86
N ARG B 173 18.87 -16.65 -6.60
CA ARG B 173 20.27 -16.92 -6.33
C ARG B 173 20.70 -18.05 -7.30
N ASP B 174 21.96 -17.99 -7.74
CA ASP B 174 22.52 -18.95 -8.70
C ASP B 174 21.96 -20.36 -8.72
N HIS B 175 21.99 -21.06 -7.60
CA HIS B 175 21.50 -22.45 -7.57
C HIS B 175 20.06 -22.61 -7.14
N ASN B 176 19.30 -21.52 -7.11
CA ASN B 176 17.91 -21.58 -6.67
C ASN B 176 17.05 -22.52 -7.51
N ILE B 177 17.03 -22.30 -8.82
CA ILE B 177 16.22 -23.13 -9.72
C ILE B 177 16.49 -24.63 -9.54
N THR B 178 17.77 -25.00 -9.49
CA THR B 178 18.15 -26.39 -9.30
C THR B 178 17.60 -26.92 -8.01
N LEU B 179 17.98 -26.27 -6.90
CA LEU B 179 17.52 -26.68 -5.59
C LEU B 179 16.02 -26.83 -5.62
N CYS B 180 15.37 -25.89 -6.29
CA CYS B 180 13.93 -25.93 -6.41
C CYS B 180 13.52 -27.20 -7.16
N SER B 181 14.14 -27.43 -8.32
CA SER B 181 13.86 -28.63 -9.12
C SER B 181 13.93 -29.84 -8.22
N ILE B 182 15.11 -30.05 -7.64
CA ILE B 182 15.33 -31.13 -6.72
C ILE B 182 14.23 -31.18 -5.66
N GLU B 183 14.14 -30.15 -4.84
CA GLU B 183 13.15 -30.10 -3.78
C GLU B 183 11.74 -30.49 -4.20
N GLN B 184 11.51 -30.54 -5.50
CA GLN B 184 10.18 -30.89 -5.99
C GLN B 184 9.78 -32.26 -5.48
N LYS B 185 8.53 -32.66 -5.73
CA LYS B 185 8.04 -33.99 -5.33
C LYS B 185 8.67 -34.89 -6.38
N GLN B 186 9.39 -35.92 -5.97
CA GLN B 186 10.05 -36.76 -6.96
C GLN B 186 9.46 -38.16 -7.22
N LYS B 187 9.33 -38.49 -8.51
CA LYS B 187 8.82 -39.79 -8.94
C LYS B 187 9.91 -40.83 -8.67
N LYS B 188 9.61 -41.84 -7.87
CA LYS B 188 10.61 -42.88 -7.63
C LYS B 188 10.92 -43.56 -8.98
N PHE B 189 12.20 -43.80 -9.26
CA PHE B 189 12.61 -44.46 -10.51
C PHE B 189 13.27 -45.78 -10.21
N VAL B 190 13.25 -46.69 -11.19
CA VAL B 190 13.87 -47.99 -11.00
C VAL B 190 15.36 -47.76 -10.82
N ILE B 191 15.97 -47.12 -11.82
CA ILE B 191 17.39 -46.80 -11.78
C ILE B 191 17.55 -45.37 -11.24
N ASP B 192 18.41 -45.20 -10.24
CA ASP B 192 18.65 -43.88 -9.65
C ASP B 192 19.19 -42.89 -10.67
N LYS B 193 18.87 -41.62 -10.49
CA LYS B 193 19.31 -40.56 -11.41
C LYS B 193 20.42 -39.69 -10.81
N ASN B 194 21.04 -38.85 -11.65
CA ASN B 194 22.11 -37.96 -11.22
C ASN B 194 23.35 -38.71 -10.73
N SER B 205 25.95 -25.11 -1.26
CA SER B 205 26.89 -24.16 -0.68
C SER B 205 27.23 -23.08 -1.70
N TYR B 206 27.39 -21.85 -1.21
CA TYR B 206 27.71 -20.73 -2.08
C TYR B 206 29.08 -20.17 -1.77
N VAL B 207 29.84 -20.86 -0.93
CA VAL B 207 31.18 -20.41 -0.57
C VAL B 207 32.05 -20.27 -1.83
N ASN B 208 32.90 -19.25 -1.84
CA ASN B 208 33.79 -18.96 -2.98
C ASN B 208 33.02 -18.42 -4.19
N ARG B 209 31.73 -18.72 -4.23
CA ARG B 209 30.86 -18.28 -5.31
C ARG B 209 30.85 -16.74 -5.34
N PRO B 210 31.13 -16.15 -6.50
CA PRO B 210 31.14 -14.69 -6.63
C PRO B 210 29.87 -14.08 -6.07
N LYS B 211 29.99 -12.89 -5.49
CA LYS B 211 28.84 -12.21 -4.92
C LYS B 211 27.92 -13.13 -4.12
N SER B 212 28.50 -14.22 -3.59
CA SER B 212 27.79 -15.21 -2.78
C SER B 212 26.56 -15.81 -3.46
N GLY B 213 26.64 -15.88 -4.80
CA GLY B 213 25.57 -16.47 -5.57
C GLY B 213 24.45 -15.54 -5.98
N TYR B 214 24.63 -14.24 -5.81
CA TYR B 214 23.58 -13.31 -6.23
C TYR B 214 24.01 -12.66 -7.51
N ASN B 215 23.94 -13.44 -8.58
CA ASN B 215 24.35 -12.97 -9.89
C ASN B 215 23.23 -13.25 -10.90
N VAL B 216 22.12 -13.79 -10.40
CA VAL B 216 21.01 -14.07 -11.29
C VAL B 216 20.46 -12.81 -11.96
N LEU B 217 19.90 -11.88 -11.18
CA LEU B 217 19.28 -10.65 -11.72
C LEU B 217 20.12 -9.87 -12.72
N ASP B 218 21.43 -9.81 -12.49
CA ASP B 218 22.32 -9.12 -13.43
C ASP B 218 22.35 -9.97 -14.70
N LYS B 219 22.68 -11.25 -14.52
CA LYS B 219 22.74 -12.21 -15.62
C LYS B 219 21.58 -11.99 -16.57
N TYR B 220 20.38 -11.89 -16.03
CA TYR B 220 19.21 -11.66 -16.86
C TYR B 220 19.19 -10.28 -17.48
N TYR B 221 19.56 -9.28 -16.68
CA TYR B 221 19.57 -7.92 -17.18
C TYR B 221 20.41 -7.92 -18.46
N ARG B 222 21.67 -8.32 -18.33
CA ARG B 222 22.56 -8.38 -19.48
C ARG B 222 21.90 -9.17 -20.63
N ARG B 223 21.37 -10.34 -20.31
CA ARG B 223 20.73 -11.19 -21.30
C ARG B 223 19.65 -10.50 -22.14
N ILE B 224 18.74 -9.78 -21.50
CA ILE B 224 17.67 -9.14 -22.26
C ILE B 224 18.17 -8.06 -23.23
N VAL B 225 19.19 -7.31 -22.82
CA VAL B 225 19.72 -6.27 -23.68
C VAL B 225 20.38 -6.92 -24.88
N GLN B 226 21.02 -8.06 -24.65
CA GLN B 226 21.68 -8.75 -25.74
C GLN B 226 20.63 -9.36 -26.66
N LEU B 227 19.53 -9.83 -26.07
CA LEU B 227 18.48 -10.45 -26.85
C LEU B 227 17.55 -9.49 -27.56
N VAL B 228 16.64 -8.90 -26.81
CA VAL B 228 15.65 -7.97 -27.33
C VAL B 228 16.12 -6.53 -27.20
N GLY B 229 17.43 -6.35 -27.09
CA GLY B 229 17.99 -5.02 -26.96
C GLY B 229 17.66 -4.11 -28.13
N SER B 230 17.81 -4.64 -29.35
CA SER B 230 17.50 -3.86 -30.52
C SER B 230 16.00 -3.80 -30.71
N PHE B 231 15.57 -2.93 -31.61
CA PHE B 231 14.16 -2.73 -31.92
C PHE B 231 13.67 -3.86 -32.85
N ASN B 232 14.01 -5.11 -32.52
CA ASN B 232 13.61 -6.27 -33.33
C ASN B 232 13.11 -7.45 -32.48
N ALA B 233 11.86 -7.35 -32.04
CA ALA B 233 11.20 -8.36 -31.23
C ALA B 233 9.78 -8.55 -31.71
N SER B 234 8.94 -7.53 -31.53
CA SER B 234 7.52 -7.55 -31.92
C SER B 234 6.77 -6.36 -31.30
N PRO B 235 7.04 -6.05 -30.01
CA PRO B 235 6.36 -4.94 -29.36
C PRO B 235 6.93 -3.63 -29.89
N ASP B 236 7.39 -3.67 -31.15
CA ASP B 236 7.95 -2.49 -31.77
C ASP B 236 7.04 -1.33 -31.42
N LYS B 237 5.74 -1.54 -31.67
CA LYS B 237 4.71 -0.57 -31.39
C LYS B 237 4.89 0.23 -30.10
N SER B 238 5.41 -0.41 -29.05
CA SER B 238 5.60 0.28 -27.78
C SER B 238 6.63 1.39 -27.87
N ARG B 239 7.83 1.14 -27.37
CA ARG B 239 8.87 2.15 -27.42
C ARG B 239 9.84 1.90 -28.56
N LYS B 240 9.95 2.87 -29.46
CA LYS B 240 10.85 2.77 -30.59
C LYS B 240 12.26 3.16 -30.11
N VAL B 241 12.97 2.24 -29.45
CA VAL B 241 14.32 2.51 -28.92
C VAL B 241 15.31 1.35 -29.11
N ASP B 242 16.59 1.69 -29.26
CA ASP B 242 17.66 0.70 -29.42
C ASP B 242 18.56 0.73 -28.20
N TYR B 243 18.40 -0.21 -27.28
CA TYR B 243 19.23 -0.21 -26.08
C TYR B 243 20.55 -0.93 -26.26
N VAL B 244 21.63 -0.16 -26.11
CA VAL B 244 22.99 -0.67 -26.24
C VAL B 244 23.66 -0.72 -24.87
N LEU B 245 24.01 -1.92 -24.43
CA LEU B 245 24.66 -2.05 -23.13
C LEU B 245 26.17 -2.08 -23.32
N PRO B 246 26.89 -1.10 -22.75
CA PRO B 246 28.34 -0.96 -22.82
C PRO B 246 29.06 -2.29 -22.96
N PRO B 247 29.92 -2.43 -23.98
CA PRO B 247 30.69 -3.64 -24.27
C PRO B 247 31.42 -4.22 -23.07
N GLN C 6 -23.42 9.60 23.36
CA GLN C 6 -23.93 10.93 23.81
C GLN C 6 -25.43 10.82 24.02
N PHE C 7 -26.17 10.86 22.92
CA PHE C 7 -27.62 10.78 22.96
C PHE C 7 -28.18 9.37 22.85
N LYS C 8 -29.47 9.25 23.13
CA LYS C 8 -30.23 8.00 23.11
C LYS C 8 -29.68 6.88 22.23
N GLN C 9 -29.88 5.65 22.69
CA GLN C 9 -29.43 4.45 21.99
C GLN C 9 -30.64 3.56 21.74
N LEU C 10 -30.52 2.65 20.78
CA LEU C 10 -31.59 1.70 20.45
C LEU C 10 -30.94 0.41 20.00
N GLU C 11 -31.61 -0.31 19.10
CA GLU C 11 -31.09 -1.57 18.59
C GLU C 11 -30.63 -1.47 17.14
N LYS C 12 -29.78 -2.40 16.73
CA LYS C 12 -29.23 -2.45 15.38
C LYS C 12 -30.27 -2.90 14.35
N THR C 20 -20.71 -0.98 11.64
CA THR C 20 -21.86 -1.55 12.34
C THR C 20 -22.77 -0.43 12.87
N VAL C 21 -23.84 -0.17 12.14
CA VAL C 21 -24.79 0.88 12.48
C VAL C 21 -25.84 0.48 13.53
N TYR C 22 -26.28 1.46 14.30
CA TYR C 22 -27.29 1.26 15.34
C TYR C 22 -28.32 2.38 15.23
N LYS C 23 -29.34 2.34 16.07
CA LYS C 23 -30.39 3.36 16.06
C LYS C 23 -30.16 4.33 17.22
N GLY C 24 -31.13 5.21 17.47
CA GLY C 24 -30.97 6.15 18.57
C GLY C 24 -31.67 7.49 18.39
N LEU C 25 -31.82 8.22 19.50
CA LEU C 25 -32.47 9.53 19.50
C LEU C 25 -31.56 10.62 20.05
N ASN C 26 -31.92 11.87 19.75
CA ASN C 26 -31.16 13.03 20.21
C ASN C 26 -31.48 13.19 21.69
N LYS C 27 -30.89 14.20 22.33
CA LYS C 27 -31.12 14.48 23.75
C LYS C 27 -31.57 15.93 23.93
N THR C 28 -32.30 16.43 22.94
CA THR C 28 -32.81 17.79 22.95
C THR C 28 -34.06 17.81 22.09
N THR C 29 -34.03 17.01 21.03
CA THR C 29 -35.15 16.90 20.10
C THR C 29 -35.43 15.42 19.85
N GLY C 30 -36.70 15.04 20.01
CA GLY C 30 -37.07 13.65 19.82
C GLY C 30 -36.76 13.06 18.46
N VAL C 31 -36.11 13.84 17.60
CA VAL C 31 -35.76 13.38 16.26
C VAL C 31 -34.82 12.17 16.29
N TYR C 32 -35.31 11.04 15.80
CA TYR C 32 -34.51 9.83 15.77
C TYR C 32 -33.34 10.03 14.82
N VAL C 33 -32.34 9.15 14.91
CA VAL C 33 -31.17 9.27 14.08
C VAL C 33 -30.41 7.96 14.07
N ALA C 34 -29.81 7.65 12.92
CA ALA C 34 -29.04 6.41 12.77
C ALA C 34 -27.58 6.65 13.14
N LEU C 35 -27.04 5.77 13.96
CA LEU C 35 -25.66 5.87 14.39
C LEU C 35 -24.78 4.80 13.74
N LYS C 36 -23.85 5.24 12.91
CA LYS C 36 -22.92 4.35 12.22
C LYS C 36 -21.58 4.42 12.93
N GLU C 37 -21.22 3.34 13.62
CA GLU C 37 -19.97 3.28 14.38
C GLU C 37 -18.80 2.73 13.57
N VAL C 38 -17.62 3.29 13.83
CA VAL C 38 -16.40 2.89 13.13
C VAL C 38 -15.25 2.70 14.12
N LYS C 39 -14.43 1.69 13.84
CA LYS C 39 -13.27 1.38 14.68
C LYS C 39 -11.99 1.42 13.82
N GLU C 44 -4.98 0.43 11.58
CA GLU C 44 -4.83 0.90 10.20
C GLU C 44 -5.19 2.38 10.04
N GLY C 45 -5.36 3.08 11.16
CA GLY C 45 -5.71 4.50 11.12
C GLY C 45 -7.20 4.70 10.86
N THR C 46 -7.56 5.88 10.37
CA THR C 46 -8.97 6.13 10.10
C THR C 46 -9.38 5.49 8.80
N PRO C 47 -10.42 4.63 8.84
CA PRO C 47 -10.92 3.94 7.65
C PRO C 47 -11.01 4.90 6.47
N SER C 48 -10.46 4.49 5.34
CA SER C 48 -10.46 5.32 4.14
C SER C 48 -11.90 5.61 3.68
N THR C 49 -12.78 4.63 3.80
CA THR C 49 -14.17 4.85 3.40
C THR C 49 -14.78 5.87 4.35
N ALA C 50 -14.43 5.76 5.63
CA ALA C 50 -14.94 6.70 6.63
C ALA C 50 -14.62 8.12 6.15
N ILE C 51 -13.35 8.36 5.85
CA ILE C 51 -12.95 9.68 5.38
C ILE C 51 -13.80 10.09 4.19
N ARG C 52 -13.75 9.31 3.12
CA ARG C 52 -14.50 9.64 1.92
C ARG C 52 -15.95 9.92 2.30
N GLU C 53 -16.61 8.91 2.88
CA GLU C 53 -17.99 9.06 3.30
C GLU C 53 -18.24 10.45 3.94
N ILE C 54 -17.65 10.71 5.11
CA ILE C 54 -17.82 12.00 5.78
C ILE C 54 -17.56 13.21 4.88
N SER C 55 -16.40 13.22 4.26
CA SER C 55 -15.99 14.31 3.38
C SER C 55 -16.97 14.65 2.26
N LEU C 56 -17.53 13.63 1.62
CA LEU C 56 -18.46 13.86 0.50
C LEU C 56 -19.85 14.27 0.98
N MET C 57 -20.27 13.70 2.10
CA MET C 57 -21.58 14.02 2.69
C MET C 57 -21.77 15.52 2.87
N LYS C 58 -20.78 16.17 3.48
CA LYS C 58 -20.84 17.61 3.70
C LYS C 58 -21.12 18.36 2.40
N GLU C 59 -20.49 17.92 1.32
CA GLU C 59 -20.68 18.56 0.02
C GLU C 59 -22.07 18.30 -0.57
N LEU C 60 -22.70 17.19 -0.20
CA LEU C 60 -24.01 16.84 -0.75
C LEU C 60 -25.22 17.15 0.12
N LYS C 61 -25.54 18.43 0.23
CA LYS C 61 -26.69 18.88 1.02
C LYS C 61 -27.90 19.00 0.09
N HIS C 62 -28.70 17.94 0.02
CA HIS C 62 -29.87 17.93 -0.86
C HIS C 62 -30.99 17.03 -0.33
N GLU C 63 -32.23 17.42 -0.60
CA GLU C 63 -33.42 16.70 -0.13
C GLU C 63 -33.52 15.23 -0.48
N ASN C 64 -32.83 14.80 -1.54
CA ASN C 64 -32.84 13.39 -1.97
C ASN C 64 -31.52 12.72 -1.66
N ILE C 65 -30.81 13.23 -0.67
CA ILE C 65 -29.54 12.66 -0.24
C ILE C 65 -29.56 12.61 1.28
N VAL C 66 -29.41 11.42 1.84
CA VAL C 66 -29.41 11.26 3.29
C VAL C 66 -28.54 12.33 3.89
N ARG C 67 -28.99 12.92 4.99
CA ARG C 67 -28.23 13.98 5.63
C ARG C 67 -27.29 13.46 6.70
N LEU C 68 -26.19 14.18 6.88
CA LEU C 68 -25.19 13.86 7.88
C LEU C 68 -25.23 15.01 8.88
N TYR C 69 -25.86 14.77 10.02
CA TYR C 69 -25.99 15.79 11.06
C TYR C 69 -24.64 16.12 11.66
N ASP C 70 -24.00 15.11 12.25
CA ASP C 70 -22.69 15.33 12.85
C ASP C 70 -21.87 14.04 13.04
N VAL C 71 -20.59 14.22 13.31
CA VAL C 71 -19.68 13.11 13.53
C VAL C 71 -19.22 13.23 14.97
N ILE C 72 -19.13 12.11 15.66
CA ILE C 72 -18.71 12.12 17.05
C ILE C 72 -17.36 11.47 17.27
N HIS C 73 -16.41 12.27 17.73
CA HIS C 73 -15.07 11.79 18.01
C HIS C 73 -14.90 11.38 19.47
N THR C 74 -14.23 10.25 19.67
CA THR C 74 -13.98 9.73 21.01
C THR C 74 -13.00 8.55 20.93
N GLU C 75 -11.90 8.66 21.68
CA GLU C 75 -10.84 7.65 21.73
C GLU C 75 -11.22 6.26 21.20
N ASN C 76 -10.64 5.91 20.05
CA ASN C 76 -10.88 4.60 19.41
C ASN C 76 -12.24 4.40 18.75
N LYS C 77 -13.14 5.37 18.89
CA LYS C 77 -14.47 5.28 18.30
C LYS C 77 -14.78 6.45 17.36
N LEU C 78 -15.37 6.12 16.21
CA LEU C 78 -15.73 7.12 15.22
C LEU C 78 -17.17 6.87 14.83
N THR C 79 -18.07 7.68 15.36
CA THR C 79 -19.49 7.50 15.05
C THR C 79 -20.02 8.59 14.13
N LEU C 80 -20.75 8.17 13.11
CA LEU C 80 -21.35 9.09 12.15
C LEU C 80 -22.84 9.21 12.47
N VAL C 81 -23.38 10.43 12.35
CA VAL C 81 -24.78 10.68 12.64
C VAL C 81 -25.63 10.97 11.40
N PHE C 82 -26.36 9.95 10.93
CA PHE C 82 -27.22 10.08 9.75
C PHE C 82 -28.70 10.19 10.13
N GLU C 83 -29.46 10.92 9.33
CA GLU C 83 -30.89 11.06 9.54
C GLU C 83 -31.48 9.65 9.44
N PHE C 84 -32.27 9.23 10.42
CA PHE C 84 -32.84 7.89 10.36
C PHE C 84 -33.81 7.70 9.22
N MET C 85 -33.69 6.56 8.54
CA MET C 85 -34.56 6.20 7.43
C MET C 85 -35.14 4.84 7.72
N ASP C 86 -36.45 4.71 7.54
CA ASP C 86 -37.15 3.47 7.80
C ASP C 86 -36.65 2.27 6.96
N ASN C 87 -36.34 2.50 5.69
CA ASN C 87 -35.86 1.39 4.87
C ASN C 87 -35.34 1.77 3.49
N ASP C 88 -35.25 0.77 2.62
CA ASP C 88 -34.73 0.92 1.25
C ASP C 88 -35.51 0.12 0.17
N LEU C 89 -35.60 0.71 -1.01
CA LEU C 89 -36.29 0.13 -2.16
C LEU C 89 -36.33 -1.40 -2.21
N LYS C 90 -35.16 -2.03 -2.04
CA LYS C 90 -35.09 -3.49 -2.06
C LYS C 90 -36.05 -4.07 -1.02
N LYS C 91 -35.80 -3.74 0.25
CA LYS C 91 -36.62 -4.20 1.36
C LYS C 91 -38.09 -3.80 1.13
N TYR C 92 -38.27 -2.60 0.60
CA TYR C 92 -39.59 -2.07 0.31
C TYR C 92 -40.36 -3.02 -0.59
N MET C 93 -39.68 -3.51 -1.62
CA MET C 93 -40.29 -4.43 -2.58
C MET C 93 -40.24 -5.88 -2.11
N ASP C 94 -39.20 -6.23 -1.36
CA ASP C 94 -39.08 -7.60 -0.85
C ASP C 94 -40.22 -7.89 0.12
N SER C 95 -40.84 -6.82 0.63
CA SER C 95 -41.94 -6.97 1.58
C SER C 95 -43.27 -6.92 0.86
N ARG C 96 -43.26 -6.41 -0.38
CA ARG C 96 -44.47 -6.30 -1.19
C ARG C 96 -44.80 -7.67 -1.79
N THR C 97 -43.85 -8.61 -1.69
CA THR C 97 -44.01 -9.96 -2.22
C THR C 97 -43.80 -11.01 -1.13
N VAL C 98 -44.90 -11.55 -0.60
CA VAL C 98 -44.84 -12.55 0.45
C VAL C 98 -44.47 -13.93 -0.12
N GLY C 99 -45.17 -14.97 0.32
CA GLY C 99 -44.89 -16.32 -0.14
C GLY C 99 -45.19 -16.52 -1.62
N ASN C 100 -45.98 -15.61 -2.18
CA ASN C 100 -46.36 -15.67 -3.58
C ASN C 100 -45.14 -15.71 -4.52
N THR C 101 -44.78 -14.56 -5.06
CA THR C 101 -43.65 -14.47 -5.97
C THR C 101 -43.28 -13.00 -6.22
N PRO C 102 -42.00 -12.72 -6.51
CA PRO C 102 -41.52 -11.35 -6.77
C PRO C 102 -42.48 -10.49 -7.60
N ARG C 103 -43.06 -9.49 -6.96
CA ARG C 103 -44.01 -8.60 -7.62
C ARG C 103 -43.38 -7.25 -7.95
N GLY C 104 -43.81 -6.65 -9.06
CA GLY C 104 -43.28 -5.36 -9.47
C GLY C 104 -44.10 -4.25 -8.84
N LEU C 105 -44.10 -3.08 -9.46
CA LEU C 105 -44.87 -1.96 -8.94
C LEU C 105 -45.68 -1.21 -10.02
N GLU C 106 -46.57 -0.33 -9.56
CA GLU C 106 -47.38 0.44 -10.47
C GLU C 106 -46.52 1.56 -11.05
N LEU C 107 -46.62 1.73 -12.37
CA LEU C 107 -45.83 2.73 -13.06
C LEU C 107 -45.98 4.14 -12.51
N ASN C 108 -47.08 4.42 -11.81
CA ASN C 108 -47.29 5.76 -11.24
C ASN C 108 -46.33 5.98 -10.09
N LEU C 109 -46.35 5.05 -9.14
CA LEU C 109 -45.48 5.10 -7.97
C LEU C 109 -44.01 5.08 -8.39
N VAL C 110 -43.69 4.15 -9.28
CA VAL C 110 -42.32 4.02 -9.78
C VAL C 110 -41.84 5.38 -10.24
N LYS C 111 -42.55 5.97 -11.20
CA LYS C 111 -42.17 7.28 -11.72
C LYS C 111 -41.84 8.25 -10.59
N TYR C 112 -42.39 8.01 -9.40
CA TYR C 112 -42.13 8.89 -8.26
C TYR C 112 -40.78 8.61 -7.62
N PHE C 113 -40.38 7.34 -7.58
CA PHE C 113 -39.10 6.94 -7.02
C PHE C 113 -37.98 7.34 -7.96
N GLN C 114 -38.20 7.11 -9.24
CA GLN C 114 -37.23 7.42 -10.28
C GLN C 114 -36.99 8.93 -10.33
N TRP C 115 -38.07 9.69 -10.22
CA TRP C 115 -37.98 11.15 -10.26
C TRP C 115 -37.09 11.63 -9.12
N GLN C 116 -37.14 10.90 -8.00
CA GLN C 116 -36.32 11.24 -6.84
C GLN C 116 -34.88 10.77 -7.06
N LEU C 117 -34.72 9.46 -7.24
CA LEU C 117 -33.41 8.89 -7.47
C LEU C 117 -32.62 9.76 -8.45
N LEU C 118 -33.29 10.19 -9.51
CA LEU C 118 -32.65 11.00 -10.53
C LEU C 118 -32.44 12.43 -10.06
N GLN C 119 -33.40 12.97 -9.35
CA GLN C 119 -33.25 14.33 -8.87
C GLN C 119 -32.01 14.33 -7.97
N GLY C 120 -31.89 13.28 -7.15
CA GLY C 120 -30.77 13.15 -6.23
C GLY C 120 -29.41 12.99 -6.91
N LEU C 121 -29.25 11.90 -7.67
CA LEU C 121 -28.02 11.64 -8.39
C LEU C 121 -27.56 12.90 -9.12
N ALA C 122 -28.52 13.66 -9.62
CA ALA C 122 -28.24 14.90 -10.33
C ALA C 122 -27.49 15.90 -9.46
N PHE C 123 -27.86 15.98 -8.18
CA PHE C 123 -27.18 16.89 -7.30
C PHE C 123 -25.72 16.49 -7.15
N CYS C 124 -25.47 15.18 -7.14
CA CYS C 124 -24.10 14.68 -7.02
C CYS C 124 -23.28 15.09 -8.24
N HIS C 125 -23.76 14.67 -9.42
CA HIS C 125 -23.09 14.96 -10.69
C HIS C 125 -22.89 16.44 -10.87
N GLU C 126 -23.88 17.22 -10.44
CA GLU C 126 -23.77 18.67 -10.54
C GLU C 126 -22.59 19.14 -9.68
N ASN C 127 -22.38 18.46 -8.56
CA ASN C 127 -21.26 18.76 -7.68
C ASN C 127 -20.09 17.83 -7.98
N LYS C 128 -20.07 17.34 -9.21
CA LYS C 128 -19.03 16.45 -9.71
C LYS C 128 -18.66 15.28 -8.81
N ILE C 129 -19.68 14.57 -8.32
CA ILE C 129 -19.47 13.44 -7.44
C ILE C 129 -20.20 12.23 -8.00
N LEU C 130 -19.48 11.12 -8.19
CA LEU C 130 -20.07 9.89 -8.72
C LEU C 130 -20.37 8.89 -7.62
N HIS C 131 -21.51 8.22 -7.70
CA HIS C 131 -21.86 7.28 -6.64
C HIS C 131 -21.12 5.96 -6.79
N ARG C 132 -21.09 5.45 -8.01
CA ARG C 132 -20.42 4.20 -8.37
C ARG C 132 -20.98 2.93 -7.73
N ASP C 133 -22.06 3.03 -6.96
CA ASP C 133 -22.64 1.84 -6.37
C ASP C 133 -24.10 2.01 -5.99
N LEU C 134 -24.89 2.33 -7.01
CA LEU C 134 -26.33 2.52 -6.85
C LEU C 134 -27.04 1.19 -7.05
N LYS C 135 -27.74 0.77 -6.00
CA LYS C 135 -28.53 -0.46 -6.01
C LYS C 135 -29.70 -0.18 -5.07
N PRO C 136 -30.86 -0.78 -5.35
CA PRO C 136 -32.08 -0.60 -4.55
C PRO C 136 -31.85 -0.43 -3.05
N GLN C 137 -30.95 -1.23 -2.48
CA GLN C 137 -30.66 -1.15 -1.06
C GLN C 137 -30.04 0.18 -0.64
N ASN C 138 -29.35 0.86 -1.56
CA ASN C 138 -28.77 2.15 -1.22
C ASN C 138 -29.78 3.25 -1.46
N LEU C 139 -31.04 2.86 -1.64
CA LEU C 139 -32.12 3.82 -1.84
C LEU C 139 -33.06 3.76 -0.64
N LEU C 140 -32.80 4.64 0.34
CA LEU C 140 -33.60 4.69 1.56
C LEU C 140 -34.89 5.48 1.40
N ILE C 141 -35.94 5.01 2.06
CA ILE C 141 -37.25 5.64 2.00
C ILE C 141 -37.82 5.84 3.41
N ASN C 142 -38.64 6.87 3.59
CA ASN C 142 -39.25 7.12 4.90
C ASN C 142 -40.76 6.95 4.85
N LYS C 143 -41.39 7.01 6.02
CA LYS C 143 -42.85 6.87 6.12
C LYS C 143 -43.57 7.94 5.32
N ARG C 144 -42.84 8.97 4.89
CA ARG C 144 -43.42 10.05 4.10
C ARG C 144 -43.31 9.73 2.62
N GLY C 145 -42.80 8.55 2.30
CA GLY C 145 -42.64 8.16 0.92
C GLY C 145 -41.56 8.93 0.18
N GLN C 146 -40.51 9.28 0.92
CA GLN C 146 -39.40 10.02 0.34
C GLN C 146 -38.22 9.08 0.13
N LEU C 147 -37.49 9.31 -0.96
CA LEU C 147 -36.34 8.50 -1.35
C LEU C 147 -35.05 9.33 -1.34
N LYS C 148 -34.05 8.85 -0.63
CA LYS C 148 -32.76 9.54 -0.58
C LYS C 148 -31.61 8.56 -0.82
N LEU C 149 -30.54 9.05 -1.45
CA LEU C 149 -29.38 8.23 -1.73
C LEU C 149 -28.54 8.04 -0.46
N GLY C 150 -27.91 6.87 -0.32
CA GLY C 150 -27.09 6.59 0.83
C GLY C 150 -25.83 5.81 0.48
N ASP C 151 -25.13 5.34 1.51
CA ASP C 151 -23.91 4.56 1.35
C ASP C 151 -22.95 5.17 0.33
N PHE C 152 -22.35 6.30 0.67
CA PHE C 152 -21.42 6.97 -0.25
C PHE C 152 -19.96 6.56 -0.05
N GLY C 153 -19.74 5.42 0.58
CA GLY C 153 -18.38 4.95 0.83
C GLY C 153 -17.53 4.67 -0.42
N LEU C 154 -18.18 4.34 -1.53
CA LEU C 154 -17.48 4.07 -2.77
C LEU C 154 -17.51 5.24 -3.75
N ALA C 155 -18.09 6.36 -3.29
CA ALA C 155 -18.20 7.56 -4.11
C ALA C 155 -16.83 8.17 -4.32
N ARG C 156 -16.77 9.28 -5.04
CA ARG C 156 -15.50 9.94 -5.29
C ARG C 156 -15.73 11.25 -6.03
N ALA C 157 -14.96 12.27 -5.65
CA ALA C 157 -15.08 13.56 -6.32
C ALA C 157 -14.23 13.58 -7.59
N PHE C 158 -14.89 13.46 -8.73
CA PHE C 158 -14.19 13.49 -10.00
C PHE C 158 -13.74 14.91 -10.34
N GLY C 159 -14.09 15.86 -9.48
CA GLY C 159 -13.67 17.24 -9.67
C GLY C 159 -12.17 17.23 -9.48
N ILE C 160 -11.68 16.25 -8.74
CA ILE C 160 -10.25 16.07 -8.51
C ILE C 160 -9.86 15.00 -9.54
N PRO C 161 -9.03 15.36 -10.52
CA PRO C 161 -8.58 14.47 -11.58
C PRO C 161 -7.62 13.34 -11.18
N VAL C 162 -8.11 12.39 -10.39
CA VAL C 162 -7.26 11.27 -9.96
C VAL C 162 -7.46 10.01 -10.80
N ASN C 163 -6.49 9.11 -10.74
CA ASN C 163 -6.55 7.87 -11.50
C ASN C 163 -7.63 6.92 -11.03
N THR C 164 -8.69 6.78 -11.82
CA THR C 164 -9.75 5.88 -11.43
C THR C 164 -9.35 4.40 -11.53
N PHE C 165 -9.98 3.62 -10.65
CA PHE C 165 -9.82 2.17 -10.54
C PHE C 165 -11.16 1.80 -9.93
N SER C 166 -11.78 0.74 -10.45
CA SER C 166 -13.07 0.31 -9.92
C SER C 166 -12.79 -0.40 -8.60
N SER C 167 -13.80 -0.96 -7.97
CA SER C 167 -13.56 -1.61 -6.70
C SER C 167 -14.58 -2.68 -6.41
N GLU C 168 -14.12 -3.76 -5.81
CA GLU C 168 -14.99 -4.89 -5.50
C GLU C 168 -16.33 -4.60 -4.83
N VAL C 169 -17.39 -4.95 -5.55
CA VAL C 169 -18.76 -4.77 -5.11
C VAL C 169 -19.38 -6.16 -4.89
N VAL C 170 -20.14 -6.31 -3.81
CA VAL C 170 -20.77 -7.57 -3.46
C VAL C 170 -21.63 -8.21 -4.56
N THR C 171 -22.22 -7.37 -5.42
CA THR C 171 -23.04 -7.82 -6.54
C THR C 171 -22.72 -6.96 -7.76
N LEU C 172 -22.81 -7.54 -8.95
CA LEU C 172 -22.48 -6.80 -10.16
C LEU C 172 -23.71 -6.40 -10.95
N TRP C 173 -24.86 -6.90 -10.52
CA TRP C 173 -26.15 -6.65 -11.18
C TRP C 173 -26.41 -5.27 -11.77
N TYR C 174 -25.91 -4.23 -11.11
CA TYR C 174 -26.14 -2.87 -11.60
C TYR C 174 -24.86 -2.27 -12.19
N ARG C 175 -23.86 -3.11 -12.39
CA ARG C 175 -22.58 -2.68 -12.94
C ARG C 175 -22.65 -2.43 -14.45
N ALA C 176 -22.17 -1.27 -14.88
CA ALA C 176 -22.18 -0.90 -16.29
C ALA C 176 -21.22 -1.79 -17.11
N PRO C 177 -21.67 -2.24 -18.30
CA PRO C 177 -20.87 -3.10 -19.19
C PRO C 177 -19.48 -2.59 -19.52
N ASP C 178 -19.34 -1.30 -19.75
CA ASP C 178 -18.03 -0.76 -20.09
C ASP C 178 -17.10 -0.82 -18.88
N VAL C 179 -17.66 -0.75 -17.68
CA VAL C 179 -16.85 -0.83 -16.47
C VAL C 179 -16.42 -2.29 -16.40
N LEU C 180 -17.40 -3.19 -16.43
CA LEU C 180 -17.12 -4.64 -16.39
C LEU C 180 -15.99 -5.01 -17.34
N MET C 181 -15.93 -4.34 -18.50
CA MET C 181 -14.88 -4.61 -19.47
C MET C 181 -13.61 -3.83 -19.19
N GLY C 182 -13.44 -3.40 -17.94
CA GLY C 182 -12.24 -2.67 -17.56
C GLY C 182 -12.04 -1.20 -17.89
N SER C 183 -13.12 -0.45 -18.10
CA SER C 183 -12.98 0.97 -18.42
C SER C 183 -12.55 1.78 -17.21
N ARG C 184 -11.44 2.47 -17.34
CA ARG C 184 -10.92 3.32 -16.27
C ARG C 184 -10.96 4.76 -16.78
N THR C 185 -11.95 5.04 -17.63
CA THR C 185 -12.11 6.38 -18.20
C THR C 185 -13.58 6.80 -18.15
N TYR C 186 -14.40 6.00 -17.47
CA TYR C 186 -15.83 6.31 -17.36
C TYR C 186 -16.10 7.56 -16.51
N SER C 187 -17.37 7.96 -16.47
CA SER C 187 -17.76 9.13 -15.72
C SER C 187 -19.19 9.03 -15.18
N THR C 188 -19.93 10.12 -15.33
CA THR C 188 -21.30 10.23 -14.88
C THR C 188 -22.11 9.04 -15.34
N SER C 189 -21.79 8.58 -16.54
CA SER C 189 -22.48 7.48 -17.19
C SER C 189 -22.80 6.24 -16.34
N ILE C 190 -21.86 5.83 -15.49
CA ILE C 190 -22.03 4.63 -14.68
C ILE C 190 -23.25 4.59 -13.77
N ASP C 191 -23.64 5.75 -13.24
CA ASP C 191 -24.81 5.79 -12.35
C ASP C 191 -26.12 5.79 -13.11
N ILE C 192 -26.07 6.25 -14.36
CA ILE C 192 -27.24 6.27 -15.22
C ILE C 192 -27.63 4.81 -15.49
N TRP C 193 -26.64 4.01 -15.87
CA TRP C 193 -26.89 2.60 -16.13
C TRP C 193 -27.44 1.93 -14.89
N SER C 194 -26.90 2.28 -13.73
CA SER C 194 -27.39 1.67 -12.49
C SER C 194 -28.85 2.07 -12.36
N CYS C 195 -29.14 3.34 -12.63
CA CYS C 195 -30.50 3.84 -12.54
C CYS C 195 -31.44 3.06 -13.44
N GLY C 196 -31.02 2.82 -14.68
CA GLY C 196 -31.84 2.05 -15.60
C GLY C 196 -32.16 0.67 -15.03
N CYS C 197 -31.13 -0.04 -14.58
CA CYS C 197 -31.31 -1.35 -14.00
C CYS C 197 -32.27 -1.25 -12.81
N ILE C 198 -32.17 -0.17 -12.04
CA ILE C 198 -33.06 0.03 -10.90
C ILE C 198 -34.47 0.07 -11.48
N LEU C 199 -34.87 1.25 -11.92
CA LEU C 199 -36.17 1.48 -12.54
C LEU C 199 -36.82 0.18 -13.02
N ALA C 200 -36.20 -0.46 -14.02
CA ALA C 200 -36.69 -1.69 -14.59
C ALA C 200 -37.11 -2.70 -13.53
N GLU C 201 -36.28 -2.90 -12.51
CA GLU C 201 -36.62 -3.86 -11.46
C GLU C 201 -37.85 -3.39 -10.69
N MET C 202 -38.06 -2.07 -10.63
CA MET C 202 -39.23 -1.53 -9.95
C MET C 202 -40.46 -1.88 -10.79
N ILE C 203 -40.24 -2.00 -12.10
CA ILE C 203 -41.29 -2.35 -13.05
C ILE C 203 -41.62 -3.84 -12.91
N THR C 204 -40.83 -4.67 -13.58
CA THR C 204 -41.00 -6.11 -13.58
C THR C 204 -41.15 -6.69 -12.18
N GLY C 205 -40.24 -6.29 -11.28
CA GLY C 205 -40.27 -6.77 -9.91
C GLY C 205 -39.04 -7.58 -9.54
N LYS C 206 -38.27 -7.95 -10.56
CA LYS C 206 -37.05 -8.74 -10.38
C LYS C 206 -35.87 -8.05 -11.07
N PRO C 207 -34.64 -8.52 -10.82
CA PRO C 207 -33.45 -7.93 -11.44
C PRO C 207 -33.45 -8.16 -12.95
N LEU C 208 -32.77 -7.29 -13.68
CA LEU C 208 -32.69 -7.41 -15.12
C LEU C 208 -31.42 -8.13 -15.52
N PHE C 209 -30.45 -8.15 -14.62
CA PHE C 209 -29.16 -8.80 -14.88
C PHE C 209 -28.56 -9.46 -13.64
N PRO C 210 -29.20 -10.54 -13.16
CA PRO C 210 -28.77 -11.30 -11.97
C PRO C 210 -27.41 -11.98 -12.12
N GLY C 211 -26.46 -11.29 -12.74
CA GLY C 211 -25.13 -11.87 -12.92
C GLY C 211 -24.60 -12.51 -11.65
N THR C 212 -23.59 -13.37 -11.80
CA THR C 212 -22.98 -14.04 -10.65
C THR C 212 -21.48 -13.85 -10.66
N ASN C 213 -20.97 -13.34 -11.77
CA ASN C 213 -19.55 -13.07 -11.92
C ASN C 213 -19.35 -12.21 -13.16
N ASP C 214 -18.39 -11.30 -13.07
CA ASP C 214 -18.07 -10.39 -14.17
C ASP C 214 -18.21 -11.04 -15.54
N GLU C 215 -17.98 -12.33 -15.62
CA GLU C 215 -18.09 -13.03 -16.89
C GLU C 215 -19.55 -13.16 -17.32
N GLU C 216 -20.36 -13.84 -16.52
CA GLU C 216 -21.77 -14.02 -16.87
C GLU C 216 -22.47 -12.68 -17.02
N GLN C 217 -22.40 -11.86 -15.97
CA GLN C 217 -23.03 -10.54 -15.96
C GLN C 217 -22.87 -9.81 -17.30
N LEU C 218 -21.65 -9.73 -17.78
CA LEU C 218 -21.39 -9.08 -19.05
C LEU C 218 -22.24 -9.75 -20.15
N LYS C 219 -22.43 -11.06 -20.03
CA LYS C 219 -23.22 -11.79 -21.02
C LYS C 219 -24.72 -11.48 -20.96
N LEU C 220 -25.33 -11.73 -19.80
CA LEU C 220 -26.76 -11.47 -19.65
C LEU C 220 -27.19 -10.13 -20.22
N ILE C 221 -26.45 -9.07 -19.94
CA ILE C 221 -26.85 -7.77 -20.45
C ILE C 221 -26.70 -7.77 -21.96
N PHE C 222 -25.85 -8.65 -22.47
CA PHE C 222 -25.67 -8.76 -23.92
C PHE C 222 -26.78 -9.60 -24.55
N ASP C 223 -27.22 -10.63 -23.85
CA ASP C 223 -28.29 -11.48 -24.35
C ASP C 223 -29.57 -10.66 -24.43
N ILE C 224 -29.58 -9.52 -23.74
CA ILE C 224 -30.75 -8.65 -23.69
C ILE C 224 -30.55 -7.29 -24.34
N MET C 225 -29.32 -6.96 -24.70
CA MET C 225 -29.03 -5.68 -25.33
C MET C 225 -28.22 -5.89 -26.60
N GLY C 226 -27.80 -7.15 -26.81
CA GLY C 226 -27.01 -7.47 -27.98
C GLY C 226 -25.52 -7.47 -27.70
N THR C 227 -24.74 -7.04 -28.67
CA THR C 227 -23.29 -6.98 -28.51
C THR C 227 -22.78 -5.62 -28.96
N PRO C 228 -21.62 -5.19 -28.43
CA PRO C 228 -21.07 -3.88 -28.81
C PRO C 228 -20.87 -3.62 -30.32
N ASN C 229 -21.56 -2.60 -30.81
CA ASN C 229 -21.47 -2.20 -32.20
C ASN C 229 -20.24 -1.29 -32.38
N GLU C 230 -19.14 -1.89 -32.81
CA GLU C 230 -17.88 -1.16 -32.99
C GLU C 230 -17.95 0.08 -33.85
N SER C 231 -19.04 0.26 -34.58
CA SER C 231 -19.18 1.45 -35.40
C SER C 231 -19.71 2.59 -34.56
N LEU C 232 -20.83 2.33 -33.88
CA LEU C 232 -21.46 3.34 -33.03
C LEU C 232 -20.67 3.62 -31.76
N TRP C 233 -19.90 2.63 -31.32
CA TRP C 233 -19.10 2.76 -30.11
C TRP C 233 -17.76 2.09 -30.32
N PRO C 234 -16.88 2.75 -31.07
CA PRO C 234 -15.53 2.29 -31.40
C PRO C 234 -14.63 2.21 -30.17
N SER C 235 -14.91 3.09 -29.20
CA SER C 235 -14.14 3.13 -27.97
C SER C 235 -13.98 1.72 -27.46
N VAL C 236 -15.09 0.99 -27.42
CA VAL C 236 -15.11 -0.37 -26.93
C VAL C 236 -13.84 -1.15 -27.25
N THR C 237 -13.39 -1.03 -28.49
CA THR C 237 -12.20 -1.75 -28.93
C THR C 237 -10.93 -1.36 -28.17
N LYS C 238 -11.09 -0.53 -27.14
CA LYS C 238 -9.97 -0.08 -26.33
C LYS C 238 -10.08 -0.65 -24.92
N LEU C 239 -11.23 -1.19 -24.58
CA LEU C 239 -11.37 -1.77 -23.25
C LEU C 239 -10.45 -2.99 -23.14
N PRO C 240 -9.74 -3.11 -22.01
CA PRO C 240 -8.81 -4.22 -21.78
C PRO C 240 -9.49 -5.60 -21.74
N LYS C 241 -10.76 -5.63 -21.35
CA LYS C 241 -11.47 -6.90 -21.28
C LYS C 241 -12.46 -7.06 -22.44
N TYR C 242 -12.37 -6.14 -23.40
CA TYR C 242 -13.26 -6.21 -24.55
C TYR C 242 -12.80 -7.37 -25.41
N ASN C 243 -13.73 -8.28 -25.67
CA ASN C 243 -13.40 -9.45 -26.49
C ASN C 243 -13.57 -9.10 -27.97
N PRO C 244 -12.46 -8.81 -28.66
CA PRO C 244 -12.46 -8.45 -30.09
C PRO C 244 -13.29 -9.35 -31.00
N ASN C 245 -13.68 -10.52 -30.50
CA ASN C 245 -14.47 -11.44 -31.31
C ASN C 245 -15.40 -12.36 -30.54
N ILE C 246 -16.40 -11.78 -29.90
CA ILE C 246 -17.38 -12.57 -29.17
C ILE C 246 -18.46 -12.98 -30.15
N GLN C 247 -19.38 -13.81 -29.67
CA GLN C 247 -20.49 -14.28 -30.50
C GLN C 247 -21.49 -13.14 -30.65
N GLN C 248 -21.22 -12.24 -31.60
CA GLN C 248 -22.10 -11.10 -31.83
C GLN C 248 -23.56 -11.56 -31.84
N ARG C 249 -24.46 -10.69 -31.41
CA ARG C 249 -25.86 -11.04 -31.31
C ARG C 249 -26.78 -9.89 -31.69
N PRO C 250 -28.08 -10.19 -31.92
CA PRO C 250 -29.09 -9.21 -32.28
C PRO C 250 -29.85 -8.76 -31.03
N PRO C 251 -29.94 -7.45 -30.79
CA PRO C 251 -30.65 -6.97 -29.59
C PRO C 251 -32.14 -7.34 -29.50
N ARG C 252 -32.46 -8.16 -28.50
CA ARG C 252 -33.83 -8.59 -28.26
C ARG C 252 -34.71 -7.38 -27.99
N ASP C 253 -36.02 -7.58 -27.97
CA ASP C 253 -36.94 -6.48 -27.72
C ASP C 253 -37.08 -6.17 -26.23
N LEU C 254 -36.55 -5.03 -25.83
CA LEU C 254 -36.58 -4.60 -24.43
C LEU C 254 -38.01 -4.68 -23.88
N ARG C 255 -38.98 -4.35 -24.71
CA ARG C 255 -40.37 -4.39 -24.29
C ARG C 255 -40.80 -5.81 -23.94
N GLN C 256 -40.76 -6.68 -24.95
CA GLN C 256 -41.14 -8.08 -24.81
C GLN C 256 -40.44 -8.75 -23.63
N VAL C 257 -39.41 -8.10 -23.11
CA VAL C 257 -38.65 -8.63 -22.00
C VAL C 257 -39.28 -8.25 -20.66
N LEU C 258 -39.61 -6.98 -20.51
CA LEU C 258 -40.19 -6.48 -19.28
C LEU C 258 -41.70 -6.62 -19.27
N GLN C 259 -42.33 -6.09 -20.32
CA GLN C 259 -43.77 -6.13 -20.49
C GLN C 259 -44.48 -7.36 -19.89
N PRO C 260 -44.11 -8.58 -20.33
CA PRO C 260 -44.75 -9.79 -19.81
C PRO C 260 -44.75 -9.94 -18.30
N HIS C 261 -44.09 -9.03 -17.60
CA HIS C 261 -44.06 -9.13 -16.16
C HIS C 261 -44.73 -7.94 -15.47
N THR C 262 -45.57 -7.24 -16.23
CA THR C 262 -46.26 -6.07 -15.70
C THR C 262 -47.76 -6.08 -16.00
N LYS C 263 -48.56 -5.92 -14.96
CA LYS C 263 -50.01 -5.89 -15.09
C LYS C 263 -50.50 -4.52 -15.56
N GLU C 264 -49.69 -3.88 -16.40
CA GLU C 264 -50.00 -2.57 -16.96
C GLU C 264 -49.17 -2.39 -18.23
N PRO C 265 -49.74 -1.72 -19.27
CA PRO C 265 -49.00 -1.50 -20.52
C PRO C 265 -47.75 -0.64 -20.28
N LEU C 266 -47.02 -0.34 -21.34
CA LEU C 266 -45.82 0.47 -21.22
C LEU C 266 -45.64 1.37 -22.43
N ASP C 267 -46.21 2.57 -22.35
CA ASP C 267 -46.13 3.53 -23.45
C ASP C 267 -44.68 3.84 -23.79
N GLY C 268 -44.36 3.83 -25.08
CA GLY C 268 -43.01 4.12 -25.52
C GLY C 268 -42.41 5.35 -24.88
N ASN C 269 -43.26 6.20 -24.31
CA ASN C 269 -42.77 7.40 -23.64
C ASN C 269 -42.01 6.98 -22.38
N LEU C 270 -42.11 5.70 -22.05
CA LEU C 270 -41.42 5.12 -20.89
C LEU C 270 -40.27 4.27 -21.41
N MET C 271 -40.52 3.54 -22.49
CA MET C 271 -39.53 2.69 -23.11
C MET C 271 -38.49 3.56 -23.78
N ASP C 272 -38.86 4.79 -24.15
CA ASP C 272 -37.90 5.69 -24.78
C ASP C 272 -36.92 6.13 -23.71
N PHE C 273 -37.47 6.45 -22.55
CA PHE C 273 -36.66 6.87 -21.41
C PHE C 273 -35.84 5.66 -21.03
N LEU C 274 -36.52 4.59 -20.65
CA LEU C 274 -35.84 3.36 -20.26
C LEU C 274 -34.69 2.99 -21.20
N HIS C 275 -34.87 3.23 -22.50
CA HIS C 275 -33.85 2.93 -23.48
C HIS C 275 -32.68 3.91 -23.45
N GLY C 276 -32.92 5.13 -22.96
CA GLY C 276 -31.87 6.13 -22.91
C GLY C 276 -30.86 5.95 -21.79
N LEU C 277 -31.34 5.44 -20.65
CA LEU C 277 -30.50 5.19 -19.50
C LEU C 277 -29.72 3.90 -19.73
N LEU C 278 -30.31 2.98 -20.49
CA LEU C 278 -29.67 1.70 -20.75
C LEU C 278 -28.94 1.55 -22.06
N GLN C 279 -27.97 2.42 -22.31
CA GLN C 279 -27.16 2.34 -23.52
C GLN C 279 -25.94 1.49 -23.21
N LEU C 280 -25.26 1.00 -24.25
CA LEU C 280 -24.06 0.21 -24.02
C LEU C 280 -22.92 1.19 -24.02
N ASN C 281 -22.93 2.09 -25.00
CA ASN C 281 -21.91 3.10 -25.11
C ASN C 281 -22.27 4.26 -24.19
N PRO C 282 -21.37 4.62 -23.26
CA PRO C 282 -21.60 5.72 -22.33
C PRO C 282 -22.02 6.99 -23.07
N ASP C 283 -21.31 7.31 -24.15
CA ASP C 283 -21.62 8.49 -24.95
C ASP C 283 -23.01 8.43 -25.57
N MET C 284 -23.94 7.79 -24.89
CA MET C 284 -25.28 7.66 -25.42
C MET C 284 -26.30 7.81 -24.31
N ARG C 285 -25.92 7.41 -23.11
CA ARG C 285 -26.84 7.48 -21.99
C ARG C 285 -27.36 8.86 -21.72
N LEU C 286 -28.38 8.89 -20.87
CA LEU C 286 -29.02 10.12 -20.47
C LEU C 286 -28.29 10.66 -19.25
N SER C 287 -28.09 11.96 -19.19
CA SER C 287 -27.45 12.57 -18.03
C SER C 287 -28.58 12.76 -17.01
N ALA C 288 -28.26 12.77 -15.73
CA ALA C 288 -29.29 12.92 -14.72
C ALA C 288 -30.20 14.08 -15.09
N LYS C 289 -29.59 15.17 -15.54
CA LYS C 289 -30.29 16.38 -15.93
C LYS C 289 -31.27 16.10 -17.08
N GLN C 290 -30.72 15.67 -18.21
CA GLN C 290 -31.50 15.34 -19.41
C GLN C 290 -32.68 14.43 -19.10
N ALA C 291 -32.44 13.39 -18.31
CA ALA C 291 -33.48 12.44 -17.97
C ALA C 291 -34.63 13.09 -17.18
N LEU C 292 -34.27 14.04 -16.32
CA LEU C 292 -35.27 14.75 -15.52
C LEU C 292 -36.15 15.64 -16.38
N HIS C 293 -35.62 16.05 -17.52
CA HIS C 293 -36.36 16.88 -18.48
C HIS C 293 -36.70 15.98 -19.67
N HIS C 294 -37.47 14.95 -19.38
CA HIS C 294 -37.89 14.00 -20.40
C HIS C 294 -39.39 13.76 -20.32
N PRO C 295 -40.06 13.74 -21.48
CA PRO C 295 -41.50 13.52 -21.60
C PRO C 295 -42.10 12.64 -20.53
N TRP C 296 -41.47 11.49 -20.26
CA TRP C 296 -42.03 10.60 -19.26
C TRP C 296 -42.26 11.25 -17.91
N PHE C 297 -41.55 12.35 -17.65
CA PHE C 297 -41.70 13.05 -16.37
C PHE C 297 -42.54 14.30 -16.51
N ALA C 298 -42.45 14.95 -17.67
CA ALA C 298 -43.19 16.18 -17.98
C ALA C 298 -44.44 16.42 -17.14
N GLU C 299 -45.20 15.38 -16.82
CA GLU C 299 -46.40 15.55 -16.02
C GLU C 299 -46.06 16.09 -14.64
N TYR C 300 -44.85 16.62 -14.50
CA TYR C 300 -44.41 17.20 -13.23
C TYR C 300 -44.11 18.68 -13.35
N TYR C 301 -44.51 19.28 -14.47
CA TYR C 301 -44.27 20.70 -14.71
C TYR C 301 -45.55 21.44 -15.13
N GLY D 17 24.86 28.67 -16.03
CA GLY D 17 23.96 27.87 -16.93
C GLY D 17 22.86 27.16 -16.16
N ILE D 18 21.62 27.62 -16.36
CA ILE D 18 20.50 27.02 -15.66
C ILE D 18 19.50 26.41 -16.60
N PRO D 19 19.48 25.08 -16.70
CA PRO D 19 18.54 24.38 -17.58
C PRO D 19 17.14 24.92 -17.33
N LYS D 20 16.42 25.29 -18.39
CA LYS D 20 15.09 25.82 -18.19
C LYS D 20 14.04 24.95 -18.85
N VAL D 21 13.15 24.37 -18.05
CA VAL D 21 12.10 23.52 -18.56
C VAL D 21 10.80 24.31 -18.64
N ILE D 22 10.00 24.02 -19.66
CA ILE D 22 8.75 24.72 -19.84
C ILE D 22 7.58 23.79 -19.50
N LEU D 23 6.98 24.02 -18.35
CA LEU D 23 5.86 23.22 -17.86
C LEU D 23 4.62 23.19 -18.75
N PRO D 24 3.75 22.17 -18.55
CA PRO D 24 2.49 21.97 -19.28
C PRO D 24 1.43 22.85 -18.63
N ALA D 25 0.40 23.21 -19.38
CA ALA D 25 -0.65 24.04 -18.81
C ALA D 25 -1.40 23.20 -17.79
N ASP D 26 -1.18 21.89 -17.79
CA ASP D 26 -1.85 21.05 -16.80
C ASP D 26 -0.84 20.32 -15.90
N PHE D 27 -1.00 20.44 -14.58
CA PHE D 27 -0.06 19.79 -13.68
C PHE D 27 -0.12 18.26 -13.81
N ASN D 28 -1.32 17.72 -14.04
CA ASN D 28 -1.47 16.29 -14.20
C ASN D 28 -0.52 15.76 -15.27
N LYS D 29 -0.27 16.59 -16.28
CA LYS D 29 0.61 16.23 -17.39
C LYS D 29 2.05 16.70 -17.12
N CYS D 30 2.38 16.85 -15.85
CA CYS D 30 3.71 17.28 -15.45
C CYS D 30 4.45 16.16 -14.74
N SER D 31 5.77 16.23 -14.72
CA SER D 31 6.59 15.20 -14.06
C SER D 31 6.52 15.36 -12.54
N ARG D 32 6.15 14.27 -11.86
CA ARG D 32 6.06 14.32 -10.40
C ARG D 32 7.31 14.86 -9.73
N THR D 33 8.47 14.56 -10.29
CA THR D 33 9.69 15.08 -9.69
C THR D 33 9.70 16.59 -9.76
N ASP D 34 9.11 17.15 -10.83
CA ASP D 34 9.06 18.61 -10.99
C ASP D 34 8.16 19.27 -9.95
N LEU D 35 7.00 18.66 -9.71
CA LEU D 35 6.06 19.16 -8.72
C LEU D 35 6.68 19.09 -7.33
N VAL D 36 7.53 18.11 -7.11
CA VAL D 36 8.20 17.98 -5.83
C VAL D 36 9.33 18.98 -5.76
N VAL D 37 9.81 19.41 -6.91
CA VAL D 37 10.87 20.39 -6.93
C VAL D 37 10.23 21.74 -6.56
N LEU D 38 9.03 21.94 -7.09
CA LEU D 38 8.30 23.18 -6.84
C LEU D 38 7.74 23.24 -5.43
N ILE D 39 6.76 22.41 -5.14
CA ILE D 39 6.15 22.43 -3.83
C ILE D 39 7.22 22.44 -2.75
N SER D 40 8.39 21.89 -3.04
CA SER D 40 9.45 21.89 -2.04
C SER D 40 9.94 23.31 -1.83
N ARG D 41 10.16 24.02 -2.93
CA ARG D 41 10.63 25.42 -2.89
C ARG D 41 9.58 26.30 -2.19
N MET D 42 8.35 26.27 -2.67
CA MET D 42 7.32 27.08 -2.05
C MET D 42 7.33 26.86 -0.55
N LEU D 43 7.63 25.64 -0.13
CA LEU D 43 7.63 25.28 1.28
C LEU D 43 8.77 25.85 2.08
N VAL D 44 9.99 25.74 1.56
CA VAL D 44 11.15 26.26 2.29
C VAL D 44 11.12 27.76 2.37
N SER D 45 10.25 28.38 1.58
CA SER D 45 10.10 29.84 1.57
C SER D 45 9.23 30.28 2.76
N LEU D 46 8.03 29.73 2.83
CA LEU D 46 7.12 30.05 3.91
C LEU D 46 7.84 29.78 5.22
N ILE D 47 8.58 28.68 5.27
CA ILE D 47 9.31 28.34 6.48
C ILE D 47 10.27 29.48 6.83
N ALA D 48 11.03 29.95 5.85
CA ALA D 48 11.96 31.04 6.10
C ALA D 48 11.13 32.22 6.51
N ILE D 49 10.29 32.69 5.60
CA ILE D 49 9.44 33.83 5.89
C ILE D 49 8.79 33.71 7.27
N ASN D 50 8.02 32.65 7.46
CA ASN D 50 7.32 32.44 8.73
C ASN D 50 8.19 32.50 9.95
N GLU D 51 9.46 32.13 9.81
CA GLU D 51 10.37 32.17 10.93
C GLU D 51 11.02 33.55 11.03
N ASN D 52 11.50 34.03 9.89
CA ASN D 52 12.16 35.32 9.83
C ASN D 52 11.16 36.42 10.13
N SER D 53 10.05 36.03 10.77
CA SER D 53 8.98 36.95 11.13
C SER D 53 8.77 36.98 12.65
N GLN D 61 5.07 31.98 25.62
CA GLN D 61 6.00 31.28 24.73
C GLN D 61 5.29 30.76 23.50
N ILE D 62 5.61 29.53 23.10
CA ILE D 62 5.01 28.92 21.91
C ILE D 62 4.36 27.56 22.19
N THR D 63 3.05 27.49 22.07
CA THR D 63 2.29 26.27 22.29
C THR D 63 2.57 25.27 21.18
N LEU D 64 2.93 24.05 21.57
CA LEU D 64 3.25 23.00 20.61
C LEU D 64 2.06 22.26 20.02
N THR D 65 2.26 21.76 18.80
CA THR D 65 1.24 20.99 18.08
C THR D 65 1.88 19.63 17.73
N ARG D 66 1.05 18.62 17.48
CA ARG D 66 1.52 17.26 17.13
C ARG D 66 2.55 17.26 16.01
N TYR D 67 2.43 18.20 15.08
CA TYR D 67 3.36 18.26 13.96
C TYR D 67 4.75 18.75 14.34
N HIS D 68 4.96 18.99 15.64
CA HIS D 68 6.26 19.47 16.14
C HIS D 68 7.28 18.38 16.43
N SER D 69 8.54 18.69 16.15
CA SER D 69 9.65 17.77 16.36
C SER D 69 10.66 18.42 17.29
N LYS D 70 11.15 17.67 18.27
CA LYS D 70 12.14 18.17 19.22
C LYS D 70 13.07 19.20 18.56
N ILE D 71 13.81 18.73 17.55
CA ILE D 71 14.73 19.59 16.81
C ILE D 71 14.38 19.47 15.33
N PRO D 72 14.93 20.36 14.51
CA PRO D 72 14.67 20.34 13.05
C PRO D 72 15.35 19.10 12.45
N PRO D 73 14.63 18.34 11.60
CA PRO D 73 15.19 17.13 10.97
C PRO D 73 16.44 17.47 10.18
N ASN D 74 17.37 16.53 10.11
CA ASN D 74 18.60 16.76 9.38
C ASN D 74 18.34 16.63 7.88
N ILE D 75 17.32 15.86 7.52
CA ILE D 75 16.95 15.64 6.14
C ILE D 75 16.08 16.77 5.58
N SER D 76 16.46 17.25 4.40
CA SER D 76 15.78 18.37 3.74
C SER D 76 14.34 18.07 3.34
N ILE D 77 13.53 19.11 3.28
CA ILE D 77 12.13 18.95 2.94
C ILE D 77 11.97 18.32 1.57
N PHE D 78 12.91 18.56 0.67
CA PHE D 78 12.83 17.98 -0.66
C PHE D 78 13.11 16.47 -0.67
N ASN D 79 14.29 16.09 -0.21
CA ASN D 79 14.70 14.70 -0.16
C ASN D 79 13.65 13.83 0.53
N TYR D 80 13.14 14.32 1.64
CA TYR D 80 12.14 13.57 2.37
C TYR D 80 10.86 13.47 1.54
N PHE D 81 10.58 14.53 0.79
CA PHE D 81 9.37 14.58 -0.02
C PHE D 81 9.39 13.61 -1.22
N ILE D 82 10.45 13.60 -2.02
CA ILE D 82 10.46 12.69 -3.17
C ILE D 82 10.34 11.26 -2.62
N ARG D 83 11.03 11.01 -1.53
CA ARG D 83 11.00 9.69 -0.92
C ARG D 83 9.60 9.19 -0.59
N LEU D 84 8.66 10.08 -0.32
CA LEU D 84 7.31 9.65 -0.03
C LEU D 84 6.59 9.49 -1.35
N THR D 85 7.03 10.29 -2.32
CA THR D 85 6.43 10.27 -3.63
C THR D 85 6.62 8.93 -4.31
N LYS D 86 7.88 8.52 -4.50
CA LYS D 86 8.17 7.24 -5.13
C LYS D 86 7.60 6.03 -4.40
N PHE D 87 8.13 5.74 -3.22
CA PHE D 87 7.72 4.57 -2.45
C PHE D 87 6.28 4.44 -2.00
N SER D 88 5.56 5.55 -1.91
CA SER D 88 4.15 5.53 -1.50
C SER D 88 3.33 5.79 -2.75
N SER D 89 4.03 5.97 -3.86
CA SER D 89 3.39 6.20 -5.15
C SER D 89 2.26 7.20 -4.99
N LEU D 90 2.62 8.47 -4.84
CA LEU D 90 1.63 9.52 -4.66
C LEU D 90 1.35 10.22 -5.98
N GLU D 91 0.05 10.45 -6.23
CA GLU D 91 -0.45 11.10 -7.44
C GLU D 91 -0.31 12.65 -7.47
N HIS D 92 -0.21 13.19 -8.68
CA HIS D 92 -0.08 14.64 -8.90
C HIS D 92 -1.07 15.41 -8.08
N CYS D 93 -2.33 15.01 -8.15
CA CYS D 93 -3.38 15.67 -7.40
C CYS D 93 -3.04 15.77 -5.92
N VAL D 94 -2.69 14.65 -5.31
CA VAL D 94 -2.32 14.63 -3.90
C VAL D 94 -1.13 15.56 -3.58
N LEU D 95 -0.17 15.63 -4.49
CA LEU D 95 0.98 16.50 -4.28
C LEU D 95 0.53 17.96 -4.10
N MET D 96 -0.37 18.41 -4.97
CA MET D 96 -0.88 19.77 -4.93
C MET D 96 -1.81 19.92 -3.76
N THR D 97 -2.67 18.92 -3.55
CA THR D 97 -3.61 18.95 -2.45
C THR D 97 -2.86 19.04 -1.12
N SER D 98 -1.55 18.88 -1.18
CA SER D 98 -0.73 18.93 0.02
C SER D 98 -0.27 20.33 0.33
N LEU D 99 0.05 21.09 -0.70
CA LEU D 99 0.47 22.46 -0.51
C LEU D 99 -0.70 23.29 -0.01
N TYR D 100 -1.86 23.06 -0.60
CA TYR D 100 -3.09 23.76 -0.23
C TYR D 100 -3.50 23.47 1.20
N TYR D 101 -3.21 22.26 1.67
CA TYR D 101 -3.54 21.88 3.05
C TYR D 101 -2.79 22.76 4.05
N ILE D 102 -1.73 23.40 3.57
CA ILE D 102 -0.93 24.29 4.42
C ILE D 102 -1.73 25.57 4.69
N ASP D 103 -2.35 26.08 3.62
CA ASP D 103 -3.15 27.27 3.72
C ASP D 103 -4.44 26.94 4.45
N LEU D 104 -4.83 25.69 4.44
CA LEU D 104 -6.08 25.34 5.12
C LEU D 104 -5.86 25.12 6.61
N LEU D 105 -4.81 24.40 6.99
CA LEU D 105 -4.54 24.13 8.40
C LEU D 105 -4.16 25.41 9.13
N GLN D 106 -3.26 26.19 8.52
CA GLN D 106 -2.84 27.47 9.11
C GLN D 106 -4.07 28.34 9.38
N THR D 107 -4.81 28.61 8.32
CA THR D 107 -6.02 29.41 8.42
C THR D 107 -6.87 29.02 9.64
N VAL D 108 -7.40 27.80 9.61
CA VAL D 108 -8.28 27.31 10.67
C VAL D 108 -7.68 26.65 11.88
N TYR D 109 -6.36 26.72 12.06
CA TYR D 109 -5.74 26.11 13.24
C TYR D 109 -4.60 27.00 13.68
N PRO D 110 -4.94 28.09 14.40
CA PRO D 110 -4.08 29.13 14.95
C PRO D 110 -2.74 28.63 15.49
N ASP D 111 -2.81 27.65 16.39
CA ASP D 111 -1.59 27.10 16.92
C ASP D 111 -0.62 26.55 15.83
N PHE D 112 -1.15 26.16 14.67
CA PHE D 112 -0.29 25.62 13.61
C PHE D 112 0.30 26.62 12.66
N THR D 113 1.61 26.55 12.49
CA THR D 113 2.30 27.44 11.57
C THR D 113 3.46 26.68 10.93
N LEU D 114 3.52 26.76 9.63
CA LEU D 114 4.56 26.10 8.87
C LEU D 114 5.96 26.62 9.15
N ASN D 115 6.80 25.78 9.74
CA ASN D 115 8.18 26.16 10.02
C ASN D 115 9.02 24.89 10.08
N SER D 116 10.34 25.06 10.08
CA SER D 116 11.24 23.93 10.09
C SER D 116 11.18 23.11 11.36
N LEU D 117 9.97 22.88 11.84
CA LEU D 117 9.78 22.10 13.05
C LEU D 117 8.43 21.41 12.89
N THR D 118 7.69 21.81 11.86
CA THR D 118 6.38 21.24 11.57
C THR D 118 6.28 20.60 10.17
N ALA D 119 7.19 20.99 9.29
CA ALA D 119 7.25 20.52 7.90
C ALA D 119 7.02 19.02 7.65
N HIS D 120 8.06 18.23 7.91
CA HIS D 120 8.00 16.79 7.70
C HIS D 120 6.77 16.10 8.29
N ARG D 121 6.57 16.28 9.59
CA ARG D 121 5.42 15.65 10.23
C ARG D 121 4.11 16.08 9.57
N PHE D 122 4.07 17.33 9.13
CA PHE D 122 2.88 17.85 8.45
C PHE D 122 2.75 17.23 7.07
N LEU D 123 3.84 17.23 6.30
CA LEU D 123 3.86 16.68 4.94
C LEU D 123 3.53 15.18 4.96
N LEU D 124 4.13 14.46 5.88
CA LEU D 124 3.84 13.04 5.99
C LEU D 124 2.33 12.94 6.19
N THR D 125 1.83 13.77 7.06
CA THR D 125 0.41 13.75 7.36
C THR D 125 -0.52 14.21 6.24
N ALA D 126 -0.27 15.38 5.69
CA ALA D 126 -1.12 15.90 4.62
C ALA D 126 -1.17 14.88 3.49
N THR D 127 0.01 14.39 3.17
CA THR D 127 0.21 13.41 2.14
C THR D 127 -0.67 12.17 2.21
N THR D 128 -0.70 11.50 3.37
CA THR D 128 -1.50 10.29 3.48
C THR D 128 -3.01 10.48 3.67
N VAL D 129 -3.42 11.64 4.19
CA VAL D 129 -4.85 11.89 4.37
C VAL D 129 -5.47 12.27 3.02
N ALA D 130 -4.74 13.07 2.25
CA ALA D 130 -5.24 13.49 0.95
C ALA D 130 -5.46 12.25 0.08
N THR D 131 -4.42 11.40 0.02
CA THR D 131 -4.45 10.19 -0.77
C THR D 131 -5.55 9.23 -0.33
N LYS D 132 -5.60 8.95 0.96
CA LYS D 132 -6.59 8.03 1.47
C LYS D 132 -8.00 8.53 1.22
N GLY D 133 -8.20 9.84 1.19
CA GLY D 133 -9.53 10.38 0.98
C GLY D 133 -9.89 10.94 -0.39
N LEU D 134 -8.93 11.08 -1.30
CA LEU D 134 -9.19 11.64 -2.61
C LEU D 134 -8.86 10.72 -3.77
N CYS D 135 -8.40 9.50 -3.48
CA CYS D 135 -8.02 8.58 -4.56
C CYS D 135 -8.69 7.23 -4.56
N ASP D 136 -8.46 6.48 -5.64
CA ASP D 136 -9.01 5.14 -5.75
C ASP D 136 -7.93 4.16 -5.28
N SER D 137 -6.67 4.56 -5.40
CA SER D 137 -5.53 3.74 -4.98
C SER D 137 -4.79 4.29 -3.73
N PHE D 138 -4.95 3.59 -2.60
CA PHE D 138 -4.32 4.01 -1.35
C PHE D 138 -3.66 2.88 -0.56
N SER D 139 -2.70 3.23 0.30
CA SER D 139 -1.98 2.26 1.12
C SER D 139 -2.42 2.38 2.57
N THR D 140 -1.99 1.44 3.40
CA THR D 140 -2.36 1.47 4.80
C THR D 140 -1.40 2.37 5.56
N ASN D 141 -1.82 2.76 6.76
CA ASN D 141 -0.98 3.63 7.54
C ASN D 141 0.41 3.01 7.76
N ALA D 142 0.46 1.71 8.01
CA ALA D 142 1.76 1.05 8.20
C ALA D 142 2.69 1.31 7.02
N HIS D 143 2.16 1.24 5.79
CA HIS D 143 2.99 1.50 4.63
C HIS D 143 3.56 2.92 4.68
N TYR D 144 2.64 3.87 4.81
CA TYR D 144 2.99 5.26 4.88
C TYR D 144 3.94 5.54 6.05
N ALA D 145 3.59 5.10 7.26
CA ALA D 145 4.46 5.36 8.39
C ALA D 145 5.85 4.77 8.15
N LYS D 146 5.90 3.62 7.50
CA LYS D 146 7.19 2.98 7.25
C LYS D 146 8.06 3.84 6.35
N VAL D 147 7.50 4.31 5.25
CA VAL D 147 8.26 5.17 4.36
C VAL D 147 8.57 6.48 5.07
N GLY D 148 7.57 6.96 5.81
CA GLY D 148 7.67 8.21 6.55
C GLY D 148 8.72 8.24 7.64
N GLY D 149 9.00 7.08 8.21
CA GLY D 149 10.00 6.99 9.25
C GLY D 149 9.43 7.11 10.64
N VAL D 150 8.12 6.95 10.76
CA VAL D 150 7.46 7.06 12.04
C VAL D 150 6.76 5.76 12.43
N ARG D 151 6.58 5.52 13.73
CA ARG D 151 5.88 4.34 14.17
C ARG D 151 4.49 4.53 13.58
N CYS D 152 3.79 3.42 13.37
CA CYS D 152 2.47 3.49 12.80
C CYS D 152 1.47 4.18 13.74
N HIS D 153 1.65 4.01 15.05
CA HIS D 153 0.71 4.63 15.99
C HIS D 153 0.73 6.15 15.87
N GLU D 154 1.94 6.72 15.76
CA GLU D 154 2.10 8.16 15.65
C GLU D 154 1.37 8.70 14.43
N LEU D 155 1.60 8.10 13.27
CA LEU D 155 0.95 8.55 12.05
C LEU D 155 -0.55 8.49 12.23
N ASN D 156 -1.01 7.52 12.99
CA ASN D 156 -2.44 7.39 13.24
C ASN D 156 -3.00 8.63 13.92
N ILE D 157 -2.51 8.92 15.15
CA ILE D 157 -2.98 10.08 15.89
C ILE D 157 -2.70 11.37 15.10
N LEU D 158 -1.59 11.38 14.39
CA LEU D 158 -1.21 12.52 13.57
C LEU D 158 -2.32 12.70 12.53
N GLU D 159 -2.70 11.61 11.88
CA GLU D 159 -3.76 11.65 10.88
C GLU D 159 -5.08 11.99 11.54
N ASN D 160 -5.31 11.41 12.70
CA ASN D 160 -6.54 11.64 13.44
C ASN D 160 -6.69 13.11 13.86
N ASP D 161 -5.57 13.71 14.28
CA ASP D 161 -5.58 15.11 14.71
C ASP D 161 -5.94 16.05 13.60
N PHE D 162 -5.27 15.88 12.47
CA PHE D 162 -5.49 16.74 11.31
C PHE D 162 -6.91 16.60 10.79
N LEU D 163 -7.52 15.44 10.97
CA LEU D 163 -8.88 15.30 10.48
C LEU D 163 -9.82 16.01 11.43
N LYS D 164 -9.49 16.03 12.73
CA LYS D 164 -10.36 16.70 13.69
C LYS D 164 -10.29 18.22 13.54
N ARG D 165 -9.13 18.72 13.11
CA ARG D 165 -8.97 20.15 12.94
C ARG D 165 -9.76 20.71 11.77
N VAL D 166 -9.61 20.14 10.60
CA VAL D 166 -10.32 20.61 9.43
C VAL D 166 -11.74 20.04 9.31
N ASN D 167 -12.13 19.22 10.28
CA ASN D 167 -13.45 18.60 10.27
C ASN D 167 -13.75 17.84 8.99
N TYR D 168 -12.76 17.09 8.51
CA TYR D 168 -12.90 16.30 7.30
C TYR D 168 -13.07 17.11 6.00
N ARG D 169 -13.24 18.43 6.09
CA ARG D 169 -13.36 19.24 4.88
C ARG D 169 -12.00 19.23 4.18
N ILE D 170 -11.68 18.06 3.64
CA ILE D 170 -10.41 17.81 2.98
C ILE D 170 -10.38 17.96 1.45
N ILE D 171 -11.55 18.15 0.84
CA ILE D 171 -11.64 18.29 -0.61
C ILE D 171 -11.29 19.69 -1.12
N PRO D 172 -10.21 19.80 -1.92
CA PRO D 172 -9.81 21.10 -2.46
C PRO D 172 -10.79 21.75 -3.44
N ARG D 173 -11.78 22.44 -2.88
CA ARG D 173 -12.80 23.13 -3.66
C ARG D 173 -12.83 24.61 -3.17
N ASP D 174 -13.09 25.54 -4.09
CA ASP D 174 -13.10 26.97 -3.80
C ASP D 174 -13.53 27.51 -2.44
N HIS D 175 -14.75 27.18 -2.02
CA HIS D 175 -15.26 27.66 -0.73
C HIS D 175 -14.93 26.74 0.43
N ASN D 176 -14.06 25.77 0.22
CA ASN D 176 -13.71 24.82 1.28
C ASN D 176 -13.07 25.49 2.53
N ILE D 177 -11.98 26.23 2.34
CA ILE D 177 -11.32 26.91 3.46
C ILE D 177 -12.30 27.79 4.27
N THR D 178 -13.18 28.50 3.55
CA THR D 178 -14.18 29.35 4.20
C THR D 178 -15.13 28.47 5.00
N LEU D 179 -15.84 27.61 4.29
CA LEU D 179 -16.77 26.71 4.94
C LEU D 179 -16.11 26.01 6.13
N CYS D 180 -14.82 25.73 6.02
CA CYS D 180 -14.14 25.06 7.12
C CYS D 180 -14.00 25.99 8.33
N SER D 181 -13.73 27.27 8.11
CA SER D 181 -13.60 28.23 9.20
C SER D 181 -14.92 28.41 9.95
N ILE D 182 -15.94 28.81 9.21
CA ILE D 182 -17.27 29.03 9.74
C ILE D 182 -17.75 27.88 10.63
N GLU D 183 -17.52 26.65 10.15
CA GLU D 183 -17.92 25.44 10.87
C GLU D 183 -17.04 25.17 12.09
N GLN D 184 -15.98 25.96 12.23
CA GLN D 184 -15.07 25.80 13.36
C GLN D 184 -15.81 26.37 14.57
N LYS D 185 -15.50 25.87 15.79
CA LYS D 185 -16.17 26.38 16.99
C LYS D 185 -16.08 27.90 16.99
N GLN D 186 -17.16 28.57 17.36
CA GLN D 186 -17.20 30.03 17.34
C GLN D 186 -17.43 30.69 18.70
N LYS D 187 -16.68 31.75 18.97
CA LYS D 187 -16.81 32.49 20.23
C LYS D 187 -17.97 33.47 20.09
N LYS D 188 -18.69 33.74 21.18
CA LYS D 188 -19.80 34.67 21.10
C LYS D 188 -19.28 36.10 21.34
N PHE D 189 -19.72 37.03 20.52
CA PHE D 189 -19.30 38.42 20.66
C PHE D 189 -20.51 39.29 20.97
N VAL D 190 -20.29 40.48 21.53
CA VAL D 190 -21.44 41.33 21.84
C VAL D 190 -22.01 41.84 20.52
N ILE D 191 -21.12 42.20 19.60
CA ILE D 191 -21.52 42.70 18.29
C ILE D 191 -21.32 41.60 17.25
N ASP D 192 -22.37 41.30 16.48
CA ASP D 192 -22.27 40.28 15.45
C ASP D 192 -21.27 40.63 14.37
N LYS D 193 -20.39 39.67 14.09
CA LYS D 193 -19.32 39.80 13.09
C LYS D 193 -19.91 39.69 11.70
N ASN D 194 -19.35 40.42 10.75
CA ASN D 194 -19.84 40.41 9.38
C ASN D 194 -21.26 40.98 9.37
N SER D 205 -23.19 26.58 -1.95
CA SER D 205 -23.73 26.28 -3.27
C SER D 205 -22.80 26.74 -4.38
N TYR D 206 -22.27 25.78 -5.14
CA TYR D 206 -21.34 26.07 -6.22
C TYR D 206 -22.04 26.22 -7.57
N VAL D 207 -23.37 26.28 -7.54
CA VAL D 207 -24.15 26.45 -8.76
C VAL D 207 -23.54 27.56 -9.61
N ASN D 208 -23.58 27.39 -10.93
CA ASN D 208 -23.05 28.39 -11.85
C ASN D 208 -21.57 28.75 -11.62
N ARG D 209 -20.94 28.11 -10.64
CA ARG D 209 -19.54 28.35 -10.36
C ARG D 209 -18.71 27.52 -11.35
N PRO D 210 -17.65 28.11 -11.94
CA PRO D 210 -16.81 27.40 -12.91
C PRO D 210 -16.26 26.07 -12.38
N LYS D 211 -16.24 25.08 -13.26
CA LYS D 211 -15.74 23.75 -12.89
C LYS D 211 -16.31 23.39 -11.51
N SER D 212 -17.55 23.81 -11.26
CA SER D 212 -18.24 23.54 -10.01
C SER D 212 -17.36 23.82 -8.79
N GLY D 213 -16.53 24.84 -8.91
CA GLY D 213 -15.66 25.23 -7.81
C GLY D 213 -14.40 24.39 -7.65
N TYR D 214 -13.94 23.75 -8.72
CA TYR D 214 -12.73 22.95 -8.63
C TYR D 214 -11.59 23.62 -9.38
N ASN D 215 -11.10 24.73 -8.83
CA ASN D 215 -10.01 25.51 -9.46
C ASN D 215 -8.78 25.71 -8.57
N VAL D 216 -8.91 25.33 -7.30
CA VAL D 216 -7.86 25.47 -6.30
C VAL D 216 -6.53 24.86 -6.72
N LEU D 217 -6.54 23.59 -7.11
CA LEU D 217 -5.30 22.92 -7.48
C LEU D 217 -4.54 23.61 -8.61
N ASP D 218 -5.25 24.03 -9.65
CA ASP D 218 -4.58 24.73 -10.76
C ASP D 218 -4.07 26.09 -10.25
N LYS D 219 -4.90 26.75 -9.46
CA LYS D 219 -4.55 28.04 -8.89
C LYS D 219 -3.22 27.95 -8.15
N TYR D 220 -3.11 26.96 -7.26
CA TYR D 220 -1.89 26.75 -6.51
C TYR D 220 -0.71 26.43 -7.42
N TYR D 221 -0.98 25.60 -8.43
CA TYR D 221 0.05 25.19 -9.39
C TYR D 221 0.67 26.40 -10.06
N ARG D 222 -0.17 27.20 -10.72
CA ARG D 222 0.34 28.39 -11.39
C ARG D 222 1.01 29.34 -10.39
N ARG D 223 0.39 29.50 -9.23
CA ARG D 223 0.95 30.38 -8.22
C ARG D 223 2.41 30.03 -7.86
N ILE D 224 2.65 28.78 -7.46
CA ILE D 224 4.00 28.42 -7.08
C ILE D 224 4.96 28.61 -8.25
N VAL D 225 4.51 28.30 -9.45
CA VAL D 225 5.37 28.45 -10.62
C VAL D 225 5.79 29.92 -10.69
N GLN D 226 4.86 30.80 -10.37
CA GLN D 226 5.13 32.24 -10.38
C GLN D 226 6.18 32.61 -9.34
N LEU D 227 5.90 32.34 -8.07
CA LEU D 227 6.84 32.67 -7.00
C LEU D 227 8.13 31.88 -7.08
N VAL D 228 8.06 30.54 -7.10
CA VAL D 228 9.28 29.75 -7.13
C VAL D 228 9.72 29.08 -8.42
N GLY D 229 9.05 29.36 -9.53
CA GLY D 229 9.46 28.75 -10.79
C GLY D 229 10.95 28.95 -11.08
N SER D 230 11.47 30.10 -10.66
CA SER D 230 12.88 30.44 -10.87
C SER D 230 13.78 29.77 -9.84
N PHE D 231 15.09 29.82 -10.08
CA PHE D 231 16.06 29.22 -9.18
C PHE D 231 16.50 30.21 -8.09
N ASN D 232 15.61 31.10 -7.69
CA ASN D 232 15.91 32.08 -6.64
C ASN D 232 14.84 32.04 -5.55
N ALA D 233 15.06 31.13 -4.59
CA ALA D 233 14.15 30.93 -3.48
C ALA D 233 14.93 30.61 -2.20
N SER D 234 15.53 29.43 -2.14
CA SER D 234 16.30 29.00 -0.97
C SER D 234 16.89 27.59 -1.10
N PRO D 235 16.14 26.63 -1.68
CA PRO D 235 16.67 25.27 -1.83
C PRO D 235 17.48 25.11 -3.11
N ASP D 236 18.38 26.08 -3.35
CA ASP D 236 19.22 26.04 -4.53
C ASP D 236 19.73 24.62 -4.70
N LYS D 237 20.62 24.23 -3.79
CA LYS D 237 21.22 22.89 -3.79
C LYS D 237 20.31 21.81 -4.39
N SER D 238 19.04 21.79 -3.98
CA SER D 238 18.12 20.78 -4.47
C SER D 238 18.18 20.54 -5.97
N ARG D 239 17.67 21.48 -6.75
CA ARG D 239 17.66 21.29 -8.19
C ARG D 239 17.78 22.57 -9.00
N LYS D 240 18.98 22.83 -9.53
CA LYS D 240 19.21 24.01 -10.35
C LYS D 240 18.40 23.90 -11.64
N VAL D 241 17.17 24.43 -11.60
CA VAL D 241 16.29 24.39 -12.76
C VAL D 241 15.33 25.56 -12.80
N ASP D 242 15.12 26.10 -14.00
CA ASP D 242 14.19 27.19 -14.20
C ASP D 242 12.94 26.66 -14.87
N TYR D 243 11.81 26.76 -14.18
CA TYR D 243 10.53 26.30 -14.72
C TYR D 243 9.75 27.50 -15.23
N VAL D 244 8.92 27.27 -16.24
CA VAL D 244 8.17 28.35 -16.88
C VAL D 244 6.82 27.89 -17.36
N LEU D 245 5.82 28.75 -17.25
CA LEU D 245 4.47 28.40 -17.70
C LEU D 245 4.10 29.39 -18.81
N PRO D 246 4.34 29.00 -20.07
CA PRO D 246 4.10 29.73 -21.32
C PRO D 246 3.67 31.20 -21.34
N PRO D 247 2.38 31.51 -21.11
CA PRO D 247 2.11 32.94 -21.15
C PRO D 247 2.72 33.66 -19.93
N ASN D 248 4.04 33.58 -19.80
CA ASN D 248 4.73 34.19 -18.67
C ASN D 248 6.18 34.62 -18.96
N ILE D 249 6.71 35.46 -18.08
CA ILE D 249 8.07 36.02 -18.14
C ILE D 249 8.49 36.59 -19.51
#